data_1VBC
#
_entry.id   1VBC
#
_cell.length_a   321.060
_cell.length_b   358.620
_cell.length_c   381.820
_cell.angle_alpha   90.00
_cell.angle_beta   90.00
_cell.angle_gamma   90.00
#
_symmetry.space_group_name_H-M   'I 2 2 2'
#
loop_
_entity.id
_entity.type
_entity.pdbx_description
1 polymer 'POLIOVIRUS TYPE 3'
2 polymer 'POLIOVIRUS TYPE 3'
3 polymer 'POLIOVIRUS TYPE 3'
4 polymer 'POLIOVIRUS TYPE 3'
5 polymer 'POLIOVIRUS TYPE 3'
6 non-polymer '(METHYLPYRIDAZINE PIPERIDINE ETHYLOXYPHENYL)ETHYLACETATE'
7 non-polymer 'MYRISTIC ACID'
#
loop_
_entity_poly.entity_id
_entity_poly.type
_entity_poly.pdbx_seq_one_letter_code
_entity_poly.pdbx_strand_id
1 'polypeptide(L)' ISEV 0
2 'polypeptide(L)'
;GIEDLISEVAQGALTLSLPKQQDSLPDTKASGPAHSKEVPALTAVETGATNPLAPSDTVQTRHVVQRRSRSESTIESFFA
RGACVAIIEVDNEQPTTRAQKLFAMWRITYKDTVQLRRKLEFFTYSRFDMEFTFVVTANFTNANNGHALNQVYQIMYIPP
GAPTPKSWDDYTWQTSSNPSIFYTYGAAPARISVPYVGLANAYSHFYDGFAKVPLKTDANDQIGDSLYSAMTVDDFGVLA
VRVVNDHNPTKVTSKVRIYMKPKHVRVWCPRPPRAVPYYGPGVDYRNNLDPLSEKGLTTY
;
1
3 'polypeptide(L)'
;SPNVEACGYSDRVLQLTLGNSTITTQEAANSVVAYGRWPEFIRDDEANPVDQPTEPDVATCRFYTLDTVMWGKESKGWWW
KLPDALRDMGLFGQNMYYHYLGRSGYTVHVQCNASKFHQGALGVFAIPEYCLAGDSDKQRYTSYANANPGERGGKFYSQF
NKDNAVTSPKREFCPVDYLLGCGVLLGNAFVYPHQIINLRTNNSATIVLPYVNALAIDSMVKHNNWGIAILPLSPLDFAQ
DSSVEIPITVTIAPMCSEFNGLRNVTAPKFQ
;
2
4 'polypeptide(L)'
;GLPVLNTPGSNQYLTSDNHQSPCAIPEFDVTPPIDIPGEVKNMMELAEIDTMIPLNLESTKRNTMDMYRVTLSDSADLSQ
PILCLSLSPAFDPRLSHTMLGEVLNYYTHWAGSLKFTFLFCGSMMATGKILVAYAPPGAQPPTSRKEAMLGTHVIWDLGL
QSSCTMVVPWISNVTYRQTTQDSFTEGGYISMFYQTRIVVPLSTPKSMSMLGFVSACNDFSVRLLRDTTHISQSA
;
3
5 'polypeptide(L)' GAQVSSQKVGAHENSNRAYGGSTINYTTINYYKDSASNAASKQDYSQDPSKFTEPLKDVLIKTAPALN 4
#
# COMPACT_ATOMS: atom_id res chain seq x y z
N ILE A 1 -35.72 -23.15 1.49
CA ILE A 1 -35.11 -21.85 1.73
C ILE A 1 -33.89 -21.91 2.67
N SER A 2 -33.24 -20.81 2.99
CA SER A 2 -32.13 -20.78 3.94
C SER A 2 -32.06 -19.41 4.65
N GLU A 3 -32.53 -19.43 5.89
CA GLU A 3 -32.69 -18.21 6.71
C GLU A 3 -31.58 -17.85 7.70
N VAL A 4 -30.72 -16.85 7.48
CA VAL A 4 -29.65 -16.58 8.47
C VAL A 4 -29.91 -15.49 9.51
N GLN B 22 -24.42 -8.17 14.90
CA GLN B 22 -23.90 -6.93 15.44
C GLN B 22 -22.46 -6.60 14.99
N ASP B 23 -22.24 -5.39 14.46
CA ASP B 23 -20.94 -4.99 13.95
C ASP B 23 -20.39 -3.66 14.47
N SER B 24 -20.89 -3.17 15.60
CA SER B 24 -20.43 -1.92 16.16
C SER B 24 -19.07 -1.98 16.81
N LEU B 25 -18.45 -0.82 16.93
CA LEU B 25 -17.12 -0.69 17.50
C LEU B 25 -17.02 -0.76 19.01
N PRO B 26 -15.85 -1.00 19.64
CA PRO B 26 -15.73 -1.19 21.08
C PRO B 26 -16.24 -0.04 21.93
N ASP B 27 -17.03 -0.30 22.97
CA ASP B 27 -17.50 0.78 23.84
C ASP B 27 -16.40 1.49 24.61
N THR B 28 -16.65 2.73 24.95
CA THR B 28 -15.70 3.46 25.75
C THR B 28 -16.00 3.23 27.22
N LYS B 29 -14.89 2.97 27.88
CA LYS B 29 -14.89 2.70 29.32
C LYS B 29 -14.83 3.87 30.29
N ALA B 30 -15.62 3.91 31.35
CA ALA B 30 -15.46 4.95 32.34
C ALA B 30 -14.14 4.69 33.05
N SER B 31 -13.18 5.55 32.78
CA SER B 31 -11.86 5.44 33.38
C SER B 31 -11.57 6.56 34.37
N GLY B 32 -10.81 6.35 35.43
CA GLY B 32 -10.64 7.40 36.44
C GLY B 32 -9.26 8.02 36.65
N PRO B 33 -8.95 8.61 37.81
CA PRO B 33 -7.64 9.19 38.10
C PRO B 33 -6.51 8.20 38.18
N ALA B 34 -5.26 8.61 37.95
CA ALA B 34 -4.15 7.66 38.06
C ALA B 34 -2.92 8.11 38.80
N HIS B 35 -2.38 7.18 39.60
CA HIS B 35 -1.07 7.39 40.24
C HIS B 35 -0.39 6.02 40.25
N SER B 36 0.25 5.57 39.16
CA SER B 36 0.82 4.22 39.15
C SER B 36 2.14 4.08 38.45
N LYS B 37 2.70 2.87 38.48
CA LYS B 37 3.93 2.56 37.77
C LYS B 37 3.70 1.98 36.37
N GLU B 38 2.43 1.96 35.95
CA GLU B 38 2.06 1.63 34.59
C GLU B 38 2.11 2.88 33.74
N VAL B 39 2.96 2.93 32.71
CA VAL B 39 3.12 4.12 31.88
C VAL B 39 2.79 3.89 30.39
N PRO B 40 1.54 3.61 30.00
CA PRO B 40 1.14 3.32 28.61
C PRO B 40 1.42 4.43 27.61
N ALA B 41 1.42 5.68 28.11
CA ALA B 41 1.76 6.86 27.33
C ALA B 41 3.17 6.83 26.75
N LEU B 42 4.05 6.09 27.42
CA LEU B 42 5.40 5.87 26.95
C LEU B 42 5.53 4.58 26.19
N THR B 43 6.31 4.63 25.13
CA THR B 43 6.58 3.45 24.30
C THR B 43 7.87 3.57 23.51
N ALA B 44 8.12 2.65 22.59
CA ALA B 44 9.31 2.73 21.74
C ALA B 44 9.03 2.29 20.29
N VAL B 45 8.68 3.21 19.41
CA VAL B 45 8.33 2.86 18.03
C VAL B 45 9.42 2.18 17.19
N GLU B 46 10.64 2.20 17.68
CA GLU B 46 11.78 1.48 17.07
C GLU B 46 11.49 0.00 16.85
N THR B 47 10.76 -0.58 17.80
CA THR B 47 10.39 -1.98 17.78
C THR B 47 9.61 -2.44 16.56
N GLY B 48 9.00 -1.51 15.85
CA GLY B 48 8.22 -1.81 14.67
C GLY B 48 6.73 -1.72 14.98
N ALA B 49 6.35 -1.72 16.24
CA ALA B 49 4.93 -1.68 16.59
C ALA B 49 4.29 -0.34 16.88
N THR B 50 2.97 -0.29 16.77
CA THR B 50 2.14 0.86 17.09
C THR B 50 1.49 0.69 18.45
N ASN B 51 1.61 1.67 19.32
CA ASN B 51 1.00 1.65 20.66
C ASN B 51 -0.52 1.44 20.70
N PRO B 52 -1.13 0.37 21.27
CA PRO B 52 -2.56 0.05 21.12
C PRO B 52 -3.41 0.91 22.06
N LEU B 53 -3.14 2.20 22.15
CA LEU B 53 -3.80 3.05 23.14
C LEU B 53 -5.18 3.54 22.79
N ALA B 54 -5.81 4.03 23.85
CA ALA B 54 -7.18 4.51 23.79
C ALA B 54 -7.33 5.74 24.71
N PRO B 55 -8.34 6.62 24.60
CA PRO B 55 -8.49 7.75 25.50
C PRO B 55 -8.41 7.42 26.98
N SER B 56 -9.01 6.31 27.38
CA SER B 56 -8.96 5.84 28.77
C SER B 56 -7.58 5.54 29.34
N ASP B 57 -6.56 5.48 28.50
CA ASP B 57 -5.19 5.32 28.98
C ASP B 57 -4.51 6.64 29.32
N THR B 58 -4.86 7.72 28.63
CA THR B 58 -4.21 8.99 28.89
C THR B 58 -5.08 10.08 29.49
N VAL B 59 -6.40 9.89 29.55
CA VAL B 59 -7.32 10.86 30.12
C VAL B 59 -8.52 10.23 30.86
N GLN B 60 -9.21 10.93 31.78
CA GLN B 60 -10.40 10.34 32.37
C GLN B 60 -11.53 10.32 31.37
N THR B 61 -12.07 9.14 31.15
CA THR B 61 -13.19 8.93 30.24
C THR B 61 -14.50 8.55 30.87
N ARG B 62 -15.62 8.84 30.21
CA ARG B 62 -16.91 8.34 30.65
C ARG B 62 -17.26 7.02 29.96
N HIS B 63 -18.39 6.37 30.32
CA HIS B 63 -18.83 5.19 29.59
C HIS B 63 -19.70 5.57 28.40
N VAL B 64 -19.21 5.36 27.20
CA VAL B 64 -20.01 5.59 26.02
C VAL B 64 -20.42 4.25 25.38
N VAL B 65 -21.69 4.02 25.10
CA VAL B 65 -22.09 2.79 24.39
C VAL B 65 -21.96 3.11 22.91
N GLN B 66 -21.00 2.48 22.25
CA GLN B 66 -20.75 2.73 20.84
C GLN B 66 -21.66 2.03 19.82
N ARG B 67 -22.34 2.81 18.99
CA ARG B 67 -23.16 2.24 17.93
C ARG B 67 -22.53 2.27 16.54
N ARG B 68 -21.55 3.15 16.32
CA ARG B 68 -20.84 3.26 15.07
C ARG B 68 -20.19 1.97 14.56
N SER B 69 -20.24 1.73 13.26
CA SER B 69 -19.65 0.56 12.64
C SER B 69 -18.80 0.88 11.41
N ARG B 70 -17.85 0.03 11.05
CA ARG B 70 -17.02 0.19 9.86
C ARG B 70 -17.57 -0.51 8.59
N SER B 71 -18.90 -0.62 8.43
CA SER B 71 -19.51 -1.30 7.29
C SER B 71 -19.19 -0.81 5.90
N GLU B 72 -19.09 0.49 5.68
CA GLU B 72 -18.66 1.02 4.37
C GLU B 72 -17.18 0.87 4.03
N SER B 73 -16.31 0.63 5.01
CA SER B 73 -14.90 0.48 4.69
C SER B 73 -14.39 -0.94 4.56
N THR B 74 -15.31 -1.91 4.42
CA THR B 74 -14.91 -3.29 4.13
C THR B 74 -14.25 -3.35 2.76
N ILE B 75 -13.33 -4.26 2.45
CA ILE B 75 -12.71 -4.36 1.13
C ILE B 75 -13.73 -4.40 -0.01
N GLU B 76 -14.83 -5.10 0.20
CA GLU B 76 -15.92 -5.19 -0.78
C GLU B 76 -16.59 -3.83 -0.99
N SER B 77 -17.05 -3.19 0.08
CA SER B 77 -17.71 -1.88 -0.02
C SER B 77 -16.84 -0.80 -0.60
N PHE B 78 -15.56 -0.82 -0.27
CA PHE B 78 -14.58 0.12 -0.84
C PHE B 78 -14.46 0.02 -2.36
N PHE B 79 -14.49 -1.21 -2.92
CA PHE B 79 -14.42 -1.39 -4.38
C PHE B 79 -15.76 -1.49 -5.10
N ALA B 80 -16.85 -1.68 -4.35
CA ALA B 80 -18.19 -1.86 -4.90
C ALA B 80 -18.84 -0.70 -5.62
N ARG B 81 -18.27 -0.39 -6.77
CA ARG B 81 -18.69 0.74 -7.55
C ARG B 81 -18.17 0.57 -8.97
N GLY B 82 -18.95 0.80 -10.01
CA GLY B 82 -18.47 0.67 -11.39
C GLY B 82 -17.61 1.83 -11.89
N ALA B 83 -16.32 1.61 -12.11
CA ALA B 83 -15.41 2.67 -12.53
C ALA B 83 -15.07 2.76 -14.01
N CYS B 84 -15.07 3.94 -14.64
CA CYS B 84 -14.74 3.99 -16.06
C CYS B 84 -13.26 3.67 -16.33
N VAL B 85 -12.97 2.58 -17.03
CA VAL B 85 -11.60 2.28 -17.38
C VAL B 85 -11.24 2.42 -18.86
N ALA B 86 -12.22 2.66 -19.72
CA ALA B 86 -11.96 2.82 -21.17
C ALA B 86 -13.05 3.49 -21.99
N ILE B 87 -12.63 4.21 -23.06
CA ILE B 87 -13.56 4.74 -24.03
C ILE B 87 -13.17 4.22 -25.42
N ILE B 88 -13.89 3.25 -25.94
CA ILE B 88 -13.59 2.72 -27.27
C ILE B 88 -14.43 3.40 -28.35
N GLU B 89 -13.75 4.16 -29.18
CA GLU B 89 -14.36 4.86 -30.31
C GLU B 89 -14.45 3.99 -31.56
N VAL B 90 -15.66 3.81 -32.06
CA VAL B 90 -15.89 3.06 -33.28
C VAL B 90 -16.89 3.74 -34.25
N ASP B 91 -16.55 3.79 -35.52
CA ASP B 91 -17.41 4.37 -36.54
C ASP B 91 -18.08 3.37 -37.45
N ASN B 92 -19.18 3.83 -37.96
CA ASN B 92 -19.88 3.14 -39.02
C ASN B 92 -20.04 4.10 -40.17
N GLU B 93 -19.29 3.82 -41.21
CA GLU B 93 -19.26 4.67 -42.40
C GLU B 93 -18.94 3.87 -43.65
N GLN B 94 -18.98 4.46 -44.83
CA GLN B 94 -18.63 3.74 -46.04
C GLN B 94 -17.19 3.25 -46.00
N PRO B 95 -16.88 1.94 -46.12
CA PRO B 95 -15.51 1.43 -46.07
C PRO B 95 -14.76 2.06 -47.23
N THR B 96 -13.98 3.09 -46.95
CA THR B 96 -13.14 3.64 -48.00
C THR B 96 -11.75 2.94 -48.04
N THR B 97 -10.74 3.44 -48.73
CA THR B 97 -9.47 2.70 -48.87
C THR B 97 -8.29 3.10 -47.96
N ARG B 98 -8.59 3.81 -46.87
CA ARG B 98 -7.54 4.30 -46.00
C ARG B 98 -7.74 3.99 -44.51
N ALA B 99 -6.87 4.47 -43.60
CA ALA B 99 -7.02 4.23 -42.16
C ALA B 99 -8.33 4.77 -41.61
N GLN B 100 -9.13 3.86 -41.06
CA GLN B 100 -10.45 4.19 -40.52
C GLN B 100 -10.73 3.51 -39.18
N LYS B 101 -11.85 3.80 -38.53
CA LYS B 101 -12.22 3.12 -37.29
C LYS B 101 -13.50 2.26 -37.46
N LEU B 102 -13.62 1.46 -38.52
CA LEU B 102 -14.80 0.61 -38.68
C LEU B 102 -14.90 -0.50 -37.63
N PHE B 103 -13.76 -0.83 -37.07
CA PHE B 103 -13.65 -1.67 -35.90
C PHE B 103 -12.47 -1.22 -35.02
N ALA B 104 -12.56 -1.49 -33.72
CA ALA B 104 -11.51 -1.12 -32.78
C ALA B 104 -11.13 -2.25 -31.86
N MET B 105 -9.95 -2.18 -31.28
CA MET B 105 -9.48 -3.19 -30.35
C MET B 105 -8.90 -2.53 -29.12
N TRP B 106 -9.13 -3.09 -27.95
CA TRP B 106 -8.59 -2.52 -26.73
C TRP B 106 -8.01 -3.60 -25.83
N ARG B 107 -6.75 -3.46 -25.49
CA ARG B 107 -6.09 -4.39 -24.57
C ARG B 107 -6.74 -4.23 -23.19
N ILE B 108 -7.36 -5.26 -22.63
CA ILE B 108 -8.05 -5.09 -21.37
C ILE B 108 -7.09 -4.76 -20.24
N THR B 109 -7.45 -3.73 -19.51
CA THR B 109 -6.64 -3.21 -18.42
C THR B 109 -7.37 -2.23 -17.48
N TYR B 110 -6.93 -2.07 -16.22
CA TYR B 110 -7.41 -0.97 -15.39
C TYR B 110 -6.46 0.24 -15.41
N LYS B 111 -5.35 0.13 -16.13
CA LYS B 111 -4.31 1.17 -16.15
C LYS B 111 -4.41 2.36 -17.11
N ASP B 112 -5.38 2.38 -18.03
CA ASP B 112 -5.56 3.53 -18.91
C ASP B 112 -6.17 4.77 -18.24
N THR B 113 -6.83 4.45 -17.15
CA THR B 113 -7.49 5.39 -16.27
C THR B 113 -6.67 5.50 -14.99
N VAL B 114 -6.82 6.52 -14.16
CA VAL B 114 -6.08 6.60 -12.90
C VAL B 114 -6.83 6.25 -11.62
N GLN B 115 -8.13 6.53 -11.58
CA GLN B 115 -8.91 6.35 -10.34
C GLN B 115 -9.05 4.97 -9.70
N LEU B 116 -9.58 3.97 -10.39
CA LEU B 116 -9.60 2.60 -9.86
C LEU B 116 -8.19 2.06 -9.65
N ARG B 117 -7.30 2.39 -10.60
CA ARG B 117 -5.89 2.00 -10.53
C ARG B 117 -5.27 2.33 -9.18
N ARG B 118 -5.55 3.52 -8.65
CA ARG B 118 -5.05 3.92 -7.35
C ARG B 118 -5.66 3.16 -6.19
N LYS B 119 -6.95 2.86 -6.23
CA LYS B 119 -7.61 2.06 -5.17
C LYS B 119 -7.10 0.62 -5.09
N LEU B 120 -7.08 -0.10 -6.23
CA LEU B 120 -6.52 -1.44 -6.27
C LEU B 120 -5.03 -1.49 -5.88
N GLU B 121 -4.30 -0.43 -6.22
CA GLU B 121 -2.91 -0.35 -5.82
C GLU B 121 -2.60 -0.04 -4.35
N PHE B 122 -3.62 0.18 -3.51
CA PHE B 122 -3.42 0.18 -2.05
C PHE B 122 -2.95 -1.18 -1.54
N PHE B 123 -3.08 -2.20 -2.40
CA PHE B 123 -2.68 -3.57 -2.12
C PHE B 123 -1.75 -4.22 -3.14
N THR B 124 -0.88 -5.15 -2.72
CA THR B 124 0.02 -5.84 -3.64
C THR B 124 -0.66 -6.94 -4.44
N TYR B 125 -1.48 -7.73 -3.76
CA TYR B 125 -2.15 -8.88 -4.40
C TYR B 125 -3.65 -8.81 -4.28
N SER B 126 -4.37 -9.27 -5.29
CA SER B 126 -5.83 -9.26 -5.20
C SER B 126 -6.43 -10.45 -5.88
N ARG B 127 -7.60 -10.84 -5.42
CA ARG B 127 -8.31 -11.95 -6.04
C ARG B 127 -9.79 -11.58 -6.02
N PHE B 128 -10.40 -11.53 -7.20
CA PHE B 128 -11.80 -11.17 -7.36
C PHE B 128 -12.44 -11.59 -8.67
N ASP B 129 -13.77 -11.54 -8.69
CA ASP B 129 -14.51 -11.71 -9.92
C ASP B 129 -14.75 -10.32 -10.51
N MET B 130 -14.84 -10.17 -11.83
CA MET B 130 -14.96 -8.86 -12.42
C MET B 130 -16.26 -8.62 -13.19
N GLU B 131 -16.96 -7.54 -12.89
CA GLU B 131 -18.13 -7.16 -13.63
C GLU B 131 -17.87 -6.00 -14.57
N PHE B 132 -18.25 -6.22 -15.82
CA PHE B 132 -18.14 -5.24 -16.90
C PHE B 132 -19.49 -4.73 -17.37
N THR B 133 -19.68 -3.43 -17.33
CA THR B 133 -20.91 -2.77 -17.81
C THR B 133 -20.57 -1.83 -18.97
N PHE B 134 -21.22 -1.96 -20.12
CA PHE B 134 -20.91 -1.15 -21.30
C PHE B 134 -21.90 -0.06 -21.68
N VAL B 135 -21.55 1.20 -21.52
CA VAL B 135 -22.43 2.32 -21.92
C VAL B 135 -22.11 2.76 -23.34
N VAL B 136 -23.00 2.42 -24.27
CA VAL B 136 -22.79 2.84 -25.66
C VAL B 136 -23.53 4.14 -26.03
N THR B 137 -22.80 5.06 -26.59
CA THR B 137 -23.41 6.32 -27.09
C THR B 137 -23.08 6.65 -28.54
N ALA B 138 -23.96 7.21 -29.33
CA ALA B 138 -23.64 7.58 -30.72
C ALA B 138 -24.18 8.92 -31.21
N ASN B 139 -23.68 9.40 -32.34
CA ASN B 139 -24.09 10.68 -32.90
C ASN B 139 -23.79 10.90 -34.37
N PHE B 140 -24.41 11.92 -34.95
CA PHE B 140 -24.12 12.24 -36.34
C PHE B 140 -22.92 13.17 -36.50
N THR B 141 -22.02 12.74 -37.36
CA THR B 141 -20.80 13.46 -37.69
C THR B 141 -21.01 14.70 -38.57
N ASN B 142 -21.71 14.47 -39.65
CA ASN B 142 -21.89 15.48 -40.68
C ASN B 142 -23.26 16.12 -40.66
N ALA B 143 -23.33 17.45 -40.82
CA ALA B 143 -24.61 18.19 -40.82
C ALA B 143 -25.85 17.53 -41.49
N ASN B 144 -25.72 16.96 -42.71
CA ASN B 144 -26.72 16.03 -43.27
C ASN B 144 -26.63 15.38 -44.67
N ASN B 145 -26.53 14.03 -44.60
CA ASN B 145 -26.66 13.08 -45.72
C ASN B 145 -27.82 12.10 -45.48
N GLY B 146 -29.05 12.54 -45.14
CA GLY B 146 -30.10 11.56 -44.76
C GLY B 146 -29.90 10.99 -43.34
N HIS B 147 -30.36 9.82 -42.88
CA HIS B 147 -30.13 9.40 -41.47
C HIS B 147 -29.67 7.96 -41.31
N ALA B 148 -29.80 7.35 -40.16
CA ALA B 148 -29.40 5.98 -39.96
C ALA B 148 -30.43 5.17 -39.20
N LEU B 149 -30.64 3.92 -39.59
CA LEU B 149 -31.48 3.05 -38.81
C LEU B 149 -30.67 2.55 -37.59
N ASN B 150 -31.32 2.14 -36.51
CA ASN B 150 -30.67 1.71 -35.29
C ASN B 150 -29.50 0.73 -35.31
N GLN B 151 -28.36 1.09 -34.71
CA GLN B 151 -27.19 0.23 -34.77
C GLN B 151 -26.99 -0.83 -33.70
N VAL B 152 -26.64 -2.02 -34.15
CA VAL B 152 -26.29 -3.11 -33.27
C VAL B 152 -24.75 -3.26 -33.19
N TYR B 153 -24.23 -3.28 -31.98
CA TYR B 153 -22.79 -3.39 -31.70
C TYR B 153 -22.32 -4.78 -31.31
N GLN B 154 -21.15 -5.20 -31.80
CA GLN B 154 -20.57 -6.49 -31.43
C GLN B 154 -19.23 -6.29 -30.74
N ILE B 155 -19.24 -6.65 -29.47
CA ILE B 155 -18.07 -6.65 -28.62
C ILE B 155 -17.58 -8.11 -28.53
N MET B 156 -16.44 -8.46 -29.12
CA MET B 156 -15.85 -9.78 -29.00
C MET B 156 -14.59 -9.82 -28.12
N TYR B 157 -14.54 -10.71 -27.14
CA TYR B 157 -13.34 -10.90 -26.36
C TYR B 157 -12.38 -11.82 -27.11
N ILE B 158 -11.19 -11.36 -27.40
CA ILE B 158 -10.19 -12.22 -28.06
C ILE B 158 -9.09 -12.55 -27.07
N PRO B 159 -9.12 -13.76 -26.48
CA PRO B 159 -8.12 -14.21 -25.50
C PRO B 159 -6.77 -14.42 -26.19
N PRO B 160 -5.61 -14.25 -25.56
CA PRO B 160 -4.32 -14.41 -26.22
C PRO B 160 -4.12 -15.75 -26.90
N GLY B 161 -3.83 -15.68 -28.19
CA GLY B 161 -3.68 -16.86 -29.02
C GLY B 161 -4.68 -16.89 -30.15
N ALA B 162 -5.88 -16.44 -29.84
CA ALA B 162 -6.93 -16.41 -30.82
C ALA B 162 -6.69 -15.40 -31.94
N PRO B 163 -7.17 -15.62 -33.17
CA PRO B 163 -6.94 -14.71 -34.29
C PRO B 163 -7.52 -13.31 -34.17
N THR B 164 -6.70 -12.30 -34.32
CA THR B 164 -7.19 -10.93 -34.30
C THR B 164 -7.71 -10.47 -35.65
N PRO B 165 -8.92 -9.89 -35.75
CA PRO B 165 -9.49 -9.34 -36.98
C PRO B 165 -8.64 -8.32 -37.72
N LYS B 166 -8.51 -8.46 -39.04
CA LYS B 166 -7.84 -7.45 -39.88
C LYS B 166 -8.85 -6.52 -40.55
N SER B 167 -10.05 -7.05 -40.74
CA SER B 167 -11.15 -6.36 -41.42
C SER B 167 -12.41 -6.29 -40.54
N TRP B 168 -13.26 -5.26 -40.58
CA TRP B 168 -14.48 -5.22 -39.76
C TRP B 168 -15.49 -6.38 -40.03
N ASP B 169 -15.50 -6.93 -41.24
CA ASP B 169 -16.37 -8.07 -41.52
C ASP B 169 -15.61 -9.32 -41.95
N ASP B 170 -14.45 -9.57 -41.39
CA ASP B 170 -13.77 -10.82 -41.71
C ASP B 170 -14.22 -12.04 -40.90
N TYR B 171 -13.67 -13.22 -41.19
CA TYR B 171 -14.07 -14.44 -40.52
C TYR B 171 -13.91 -14.51 -38.98
N THR B 172 -13.00 -13.80 -38.33
CA THR B 172 -12.86 -13.92 -36.86
C THR B 172 -14.13 -13.55 -36.10
N TRP B 173 -14.85 -12.55 -36.60
CA TRP B 173 -16.16 -12.14 -36.07
C TRP B 173 -17.19 -13.24 -36.12
N GLN B 174 -16.95 -14.35 -36.82
CA GLN B 174 -17.84 -15.52 -36.75
C GLN B 174 -18.00 -16.05 -35.32
N THR B 175 -17.01 -15.74 -34.50
CA THR B 175 -16.98 -15.92 -33.06
C THR B 175 -17.43 -17.27 -32.49
N SER B 176 -17.07 -18.37 -33.13
CA SER B 176 -17.57 -19.69 -32.68
C SER B 176 -17.26 -20.17 -31.28
N SER B 177 -16.17 -19.63 -30.74
CA SER B 177 -15.74 -20.04 -29.42
C SER B 177 -15.37 -18.89 -28.51
N ASN B 178 -15.06 -17.73 -29.08
CA ASN B 178 -14.79 -16.53 -28.28
C ASN B 178 -16.10 -15.98 -27.69
N PRO B 179 -16.20 -15.50 -26.45
CA PRO B 179 -17.39 -14.80 -26.00
C PRO B 179 -17.63 -13.48 -26.75
N SER B 180 -18.85 -13.32 -27.28
CA SER B 180 -19.28 -12.06 -27.89
C SER B 180 -20.55 -11.44 -27.34
N ILE B 181 -20.60 -10.12 -27.19
CA ILE B 181 -21.81 -9.41 -26.86
C ILE B 181 -22.36 -8.65 -28.05
N PHE B 182 -23.66 -8.87 -28.25
CA PHE B 182 -24.48 -8.17 -29.23
C PHE B 182 -25.40 -7.16 -28.57
N TYR B 183 -24.95 -5.93 -28.57
CA TYR B 183 -25.70 -4.85 -27.93
C TYR B 183 -26.57 -4.05 -28.90
N THR B 184 -27.80 -3.69 -28.54
CA THR B 184 -28.63 -2.86 -29.42
C THR B 184 -28.77 -1.44 -28.90
N TYR B 185 -28.42 -0.45 -29.69
CA TYR B 185 -28.51 0.94 -29.29
C TYR B 185 -29.87 1.30 -28.71
N GLY B 186 -29.85 2.02 -27.60
CA GLY B 186 -31.06 2.42 -26.92
C GLY B 186 -31.41 1.48 -25.76
N ALA B 187 -30.97 0.22 -25.83
CA ALA B 187 -31.25 -0.73 -24.76
C ALA B 187 -30.51 -0.46 -23.47
N ALA B 188 -30.93 -1.03 -22.33
CA ALA B 188 -30.20 -0.84 -21.08
C ALA B 188 -28.75 -1.23 -21.28
N PRO B 189 -27.75 -0.50 -20.78
CA PRO B 189 -26.35 -0.90 -20.92
C PRO B 189 -25.97 -2.34 -20.70
N ALA B 190 -25.19 -2.87 -21.62
CA ALA B 190 -24.74 -4.26 -21.61
C ALA B 190 -23.97 -4.64 -20.34
N ARG B 191 -24.13 -5.85 -19.80
CA ARG B 191 -23.46 -6.25 -18.57
C ARG B 191 -23.13 -7.71 -18.54
N ILE B 192 -21.92 -8.02 -18.11
CA ILE B 192 -21.46 -9.41 -17.95
C ILE B 192 -20.50 -9.57 -16.77
N SER B 193 -20.39 -10.77 -16.27
CA SER B 193 -19.44 -11.10 -15.23
C SER B 193 -18.32 -12.00 -15.74
N VAL B 194 -17.13 -11.85 -15.17
CA VAL B 194 -15.95 -12.64 -15.53
C VAL B 194 -15.36 -13.26 -14.25
N PRO B 195 -15.00 -14.55 -14.24
CA PRO B 195 -14.44 -15.20 -13.06
C PRO B 195 -13.03 -14.75 -12.73
N TYR B 196 -12.43 -15.21 -11.61
CA TYR B 196 -11.02 -14.95 -11.37
C TYR B 196 -10.21 -15.73 -12.40
N VAL B 197 -9.74 -15.03 -13.43
CA VAL B 197 -8.97 -15.67 -14.52
C VAL B 197 -7.45 -15.63 -14.48
N GLY B 198 -6.85 -15.42 -13.30
CA GLY B 198 -5.39 -15.33 -13.21
C GLY B 198 -4.62 -16.66 -13.34
N LEU B 199 -3.43 -16.63 -13.94
CA LEU B 199 -2.54 -17.78 -14.05
C LEU B 199 -1.88 -18.19 -12.73
N ALA B 200 -2.13 -17.42 -11.70
CA ALA B 200 -1.55 -17.61 -10.38
C ALA B 200 -2.63 -17.64 -9.32
N ASN B 201 -2.28 -17.84 -8.05
CA ASN B 201 -3.28 -17.83 -6.99
C ASN B 201 -3.82 -16.46 -6.67
N ALA B 202 -3.18 -15.41 -7.22
CA ALA B 202 -3.65 -14.02 -7.09
C ALA B 202 -3.20 -13.11 -8.21
N TYR B 203 -3.98 -12.09 -8.58
CA TYR B 203 -3.51 -11.09 -9.54
C TYR B 203 -2.40 -10.26 -8.86
N SER B 204 -1.24 -10.13 -9.48
CA SER B 204 -0.20 -9.24 -8.96
C SER B 204 -0.36 -7.79 -9.42
N HIS B 205 -0.64 -6.86 -8.51
CA HIS B 205 -0.68 -5.46 -8.89
C HIS B 205 0.71 -4.86 -9.15
N PHE B 206 1.74 -5.50 -8.62
CA PHE B 206 3.14 -5.13 -8.81
C PHE B 206 4.00 -6.38 -8.97
N TYR B 207 4.91 -6.41 -9.92
CA TYR B 207 5.80 -7.53 -10.13
C TYR B 207 7.25 -7.06 -10.19
N ASP B 208 7.97 -7.19 -9.08
CA ASP B 208 9.40 -6.86 -9.07
C ASP B 208 10.24 -7.94 -9.78
N GLY B 209 10.15 -7.94 -11.10
CA GLY B 209 10.87 -8.88 -11.91
C GLY B 209 10.82 -8.67 -13.42
N PHE B 210 11.16 -9.75 -14.09
CA PHE B 210 11.25 -9.81 -15.54
C PHE B 210 10.64 -11.07 -16.10
N ALA B 211 10.23 -11.05 -17.36
CA ALA B 211 9.79 -12.28 -18.03
C ALA B 211 10.95 -13.04 -18.70
N LYS B 212 12.05 -12.39 -19.05
CA LYS B 212 13.22 -13.10 -19.56
C LYS B 212 14.53 -12.69 -18.85
N VAL B 213 15.50 -13.59 -18.84
CA VAL B 213 16.79 -13.28 -18.25
C VAL B 213 17.93 -13.40 -19.26
N PRO B 214 18.78 -12.39 -19.43
CA PRO B 214 19.92 -12.43 -20.32
C PRO B 214 20.96 -13.44 -19.89
N LEU B 215 21.24 -14.47 -20.65
CA LEU B 215 22.32 -15.40 -20.29
C LEU B 215 23.69 -15.11 -20.93
N LYS B 216 24.84 -15.30 -20.31
CA LYS B 216 26.16 -15.08 -20.92
C LYS B 216 26.33 -15.70 -22.29
N THR B 217 25.82 -16.90 -22.45
CA THR B 217 25.86 -17.63 -23.72
C THR B 217 24.99 -17.09 -24.82
N ASP B 218 24.22 -16.04 -24.62
CA ASP B 218 23.36 -15.51 -25.68
C ASP B 218 24.07 -14.88 -26.87
N ALA B 219 23.54 -15.07 -28.07
CA ALA B 219 24.11 -14.46 -29.26
C ALA B 219 24.13 -12.93 -29.30
N ASN B 220 22.95 -12.30 -29.38
CA ASN B 220 22.86 -10.84 -29.23
C ASN B 220 22.38 -10.52 -27.83
N ASP B 221 22.53 -9.32 -27.32
CA ASP B 221 22.00 -9.02 -25.99
C ASP B 221 20.52 -8.55 -25.92
N GLN B 222 19.86 -8.75 -27.05
CA GLN B 222 18.44 -8.43 -27.18
C GLN B 222 17.57 -9.67 -26.92
N ILE B 223 18.09 -10.87 -27.24
CA ILE B 223 17.44 -12.14 -26.95
C ILE B 223 16.82 -12.25 -25.57
N GLY B 224 17.61 -11.94 -24.55
CA GLY B 224 17.13 -12.00 -23.18
C GLY B 224 16.63 -10.70 -22.60
N ASP B 225 16.41 -9.68 -23.44
CA ASP B 225 15.90 -8.42 -22.96
C ASP B 225 14.38 -8.34 -22.84
N SER B 226 14.00 -7.70 -21.75
CA SER B 226 12.60 -7.52 -21.33
C SER B 226 12.22 -6.22 -20.68
N LEU B 227 10.93 -5.88 -20.71
CA LEU B 227 10.41 -4.74 -19.93
C LEU B 227 10.31 -5.04 -18.43
N TYR B 228 10.99 -4.25 -17.61
CA TYR B 228 10.95 -4.38 -16.17
C TYR B 228 9.53 -4.27 -15.61
N SER B 229 9.22 -5.20 -14.71
CA SER B 229 7.92 -5.32 -14.06
C SER B 229 6.79 -5.82 -14.89
N ALA B 230 7.04 -6.08 -16.17
CA ALA B 230 6.06 -6.68 -17.03
C ALA B 230 6.17 -8.19 -17.02
N MET B 231 5.01 -8.85 -17.01
CA MET B 231 4.93 -10.31 -17.03
C MET B 231 4.56 -10.84 -18.41
N THR B 232 3.35 -11.30 -18.68
CA THR B 232 2.96 -11.77 -20.02
C THR B 232 2.87 -10.64 -21.02
N VAL B 233 3.20 -10.87 -22.28
CA VAL B 233 3.08 -9.83 -23.34
C VAL B 233 1.63 -9.33 -23.51
N ASP B 234 0.67 -10.19 -23.82
CA ASP B 234 -0.71 -9.77 -24.01
C ASP B 234 -1.57 -9.79 -22.77
N ASP B 235 -0.95 -10.03 -21.63
CA ASP B 235 -1.60 -10.31 -20.33
C ASP B 235 -3.02 -10.89 -20.32
N PHE B 236 -4.10 -10.19 -20.55
CA PHE B 236 -5.42 -10.82 -20.57
C PHE B 236 -6.17 -10.82 -21.92
N GLY B 237 -5.57 -10.28 -22.95
CA GLY B 237 -6.22 -10.22 -24.25
C GLY B 237 -6.89 -8.87 -24.55
N VAL B 238 -7.71 -8.89 -25.60
CA VAL B 238 -8.38 -7.68 -26.08
C VAL B 238 -9.89 -7.77 -26.26
N LEU B 239 -10.51 -6.63 -26.26
CA LEU B 239 -11.89 -6.50 -26.66
C LEU B 239 -11.94 -5.84 -28.02
N ALA B 240 -12.52 -6.52 -28.98
CA ALA B 240 -12.73 -5.98 -30.32
C ALA B 240 -14.19 -5.53 -30.48
N VAL B 241 -14.36 -4.32 -31.00
CA VAL B 241 -15.66 -3.70 -31.16
C VAL B 241 -15.97 -3.33 -32.62
N ARG B 242 -17.19 -3.62 -33.06
CA ARG B 242 -17.63 -3.19 -34.38
C ARG B 242 -19.14 -2.93 -34.46
N VAL B 243 -19.54 -2.12 -35.42
CA VAL B 243 -20.96 -1.95 -35.71
C VAL B 243 -21.31 -3.07 -36.69
N VAL B 244 -22.24 -3.93 -36.36
CA VAL B 244 -22.62 -5.05 -37.21
C VAL B 244 -23.37 -4.57 -38.44
N ASN B 245 -24.04 -3.41 -38.30
CA ASN B 245 -24.73 -2.77 -39.43
C ASN B 245 -23.85 -2.38 -40.61
N ASP B 246 -24.35 -2.63 -41.81
CA ASP B 246 -23.69 -2.12 -42.98
C ASP B 246 -23.83 -0.63 -42.98
N HIS B 247 -22.87 0.01 -43.61
CA HIS B 247 -22.86 1.47 -43.62
C HIS B 247 -24.06 2.23 -44.23
N ASN B 248 -24.57 3.18 -43.48
CA ASN B 248 -25.50 4.17 -43.99
C ASN B 248 -24.83 5.17 -44.95
N PRO B 249 -25.49 6.06 -45.70
CA PRO B 249 -24.83 7.10 -46.53
C PRO B 249 -24.06 8.11 -45.68
N THR B 250 -24.79 8.54 -44.69
CA THR B 250 -24.29 9.41 -43.64
C THR B 250 -23.55 8.63 -42.56
N LYS B 251 -22.49 9.20 -42.03
CA LYS B 251 -21.70 8.53 -41.00
C LYS B 251 -22.13 8.73 -39.56
N VAL B 252 -22.04 7.60 -38.83
CA VAL B 252 -22.30 7.58 -37.40
C VAL B 252 -21.06 7.19 -36.60
N THR B 253 -20.62 8.12 -35.76
CA THR B 253 -19.52 7.87 -34.83
C THR B 253 -20.07 7.38 -33.52
N SER B 254 -19.42 6.40 -32.86
CA SER B 254 -19.91 5.89 -31.57
C SER B 254 -18.85 5.62 -30.54
N LYS B 255 -19.24 5.72 -29.28
CA LYS B 255 -18.33 5.41 -28.16
C LYS B 255 -18.83 4.39 -27.14
N VAL B 256 -18.08 3.30 -27.04
CA VAL B 256 -18.35 2.29 -26.02
C VAL B 256 -17.54 2.59 -24.75
N ARG B 257 -18.23 3.11 -23.74
CA ARG B 257 -17.64 3.32 -22.41
C ARG B 257 -17.69 2.09 -21.54
N ILE B 258 -16.52 1.65 -21.09
CA ILE B 258 -16.44 0.45 -20.25
C ILE B 258 -16.26 0.68 -18.76
N TYR B 259 -17.24 0.21 -18.02
CA TYR B 259 -17.20 0.31 -16.58
C TYR B 259 -16.79 -1.01 -15.95
N MET B 260 -15.83 -0.94 -15.05
CA MET B 260 -15.29 -2.09 -14.38
C MET B 260 -15.62 -2.11 -12.89
N LYS B 261 -16.09 -3.23 -12.34
CA LYS B 261 -16.34 -3.35 -10.89
C LYS B 261 -15.85 -4.68 -10.35
N PRO B 262 -14.87 -4.73 -9.46
CA PRO B 262 -14.49 -5.97 -8.78
C PRO B 262 -15.48 -6.51 -7.75
N LYS B 263 -15.97 -7.72 -7.86
CA LYS B 263 -16.85 -8.30 -6.83
C LYS B 263 -16.31 -9.58 -6.25
N HIS B 264 -16.74 -9.92 -5.01
CA HIS B 264 -16.26 -11.11 -4.26
C HIS B 264 -14.73 -11.01 -4.08
N VAL B 265 -14.35 -9.82 -3.65
CA VAL B 265 -12.99 -9.32 -3.47
C VAL B 265 -12.22 -9.70 -2.20
N ARG B 266 -10.98 -10.13 -2.43
CA ARG B 266 -9.99 -10.35 -1.37
C ARG B 266 -8.65 -9.66 -1.70
N VAL B 267 -7.98 -9.03 -0.72
CA VAL B 267 -6.71 -8.33 -0.94
C VAL B 267 -5.57 -8.61 0.05
N TRP B 268 -4.34 -8.60 -0.45
CA TRP B 268 -3.15 -8.83 0.38
C TRP B 268 -2.07 -7.78 0.26
N CYS B 269 -1.24 -7.76 1.32
CA CYS B 269 -0.07 -6.89 1.54
C CYS B 269 -0.27 -5.42 1.19
N PRO B 270 -0.64 -4.56 2.14
CA PRO B 270 -0.90 -3.16 1.94
C PRO B 270 0.31 -2.31 1.47
N ARG B 271 0.05 -1.41 0.55
CA ARG B 271 1.05 -0.48 0.01
C ARG B 271 0.63 0.98 0.19
N PRO B 272 1.55 1.93 0.31
CA PRO B 272 1.23 3.33 0.28
C PRO B 272 0.56 3.79 -0.99
N PRO B 273 -0.43 4.69 -0.94
CA PRO B 273 -1.08 5.25 -2.11
C PRO B 273 -0.15 6.04 -3.03
N ARG B 274 -0.35 5.97 -4.34
CA ARG B 274 0.36 6.82 -5.31
C ARG B 274 0.27 8.30 -4.97
N ALA B 275 1.42 8.92 -4.70
CA ALA B 275 1.44 10.32 -4.32
C ALA B 275 1.81 11.31 -5.41
N VAL B 276 2.39 10.82 -6.49
CA VAL B 276 2.72 11.67 -7.65
C VAL B 276 2.04 11.18 -8.92
N PRO B 277 1.76 11.98 -9.96
CA PRO B 277 1.08 11.47 -11.14
C PRO B 277 1.76 10.28 -11.84
N TYR B 278 0.92 9.30 -12.17
CA TYR B 278 1.33 8.12 -12.90
C TYR B 278 2.07 8.39 -14.19
N TYR B 279 3.11 7.63 -14.53
CA TYR B 279 3.78 7.76 -15.81
C TYR B 279 3.98 6.40 -16.49
N GLY B 280 2.87 5.96 -17.06
CA GLY B 280 2.81 4.65 -17.73
C GLY B 280 2.37 3.47 -16.86
N PRO B 281 2.48 2.23 -17.30
CA PRO B 281 2.08 1.04 -16.52
C PRO B 281 2.90 0.70 -15.31
N GLY B 282 4.20 1.00 -15.29
CA GLY B 282 5.00 0.68 -14.11
C GLY B 282 4.92 1.71 -12.99
N VAL B 283 5.84 1.74 -12.05
CA VAL B 283 5.84 2.77 -11.01
C VAL B 283 6.57 4.07 -11.38
N ASP B 284 6.97 4.20 -12.64
CA ASP B 284 7.76 5.33 -13.08
C ASP B 284 7.12 6.70 -12.87
N TYR B 285 7.95 7.62 -12.41
CA TYR B 285 7.52 9.00 -12.28
C TYR B 285 8.33 9.87 -13.21
N ARG B 286 7.72 10.99 -13.55
CA ARG B 286 8.37 11.98 -14.40
C ARG B 286 8.29 13.35 -13.76
N ASN B 287 7.08 13.89 -13.67
CA ASN B 287 6.95 15.20 -13.09
C ASN B 287 5.77 15.46 -12.17
N ASN B 288 5.79 16.61 -11.54
CA ASN B 288 4.92 17.02 -10.45
C ASN B 288 5.25 16.21 -9.23
N LEU B 289 6.56 16.12 -8.97
CA LEU B 289 7.06 15.37 -7.82
C LEU B 289 7.00 16.12 -6.51
N ASP B 290 6.22 17.22 -6.44
CA ASP B 290 6.09 18.07 -5.26
C ASP B 290 4.71 18.03 -4.56
N PRO B 291 4.22 16.88 -4.07
CA PRO B 291 2.83 16.70 -3.67
C PRO B 291 2.32 17.57 -2.54
N LEU B 292 3.22 17.91 -1.63
CA LEU B 292 2.86 18.70 -0.45
C LEU B 292 2.90 20.21 -0.54
N SER B 293 1.87 20.77 0.05
CA SER B 293 1.73 22.22 0.23
C SER B 293 2.71 22.87 1.19
N GLU B 294 2.88 24.20 1.09
CA GLU B 294 3.64 24.94 2.07
C GLU B 294 2.76 25.40 3.23
N LYS B 295 3.19 25.09 4.44
CA LYS B 295 2.49 25.45 5.65
C LYS B 295 3.50 25.66 6.75
N GLY B 296 3.37 26.72 7.54
CA GLY B 296 4.34 27.00 8.59
C GLY B 296 4.33 26.03 9.78
N LEU B 297 5.50 25.65 10.28
CA LEU B 297 5.63 24.75 11.44
C LEU B 297 4.73 25.02 12.66
N THR B 298 4.60 26.30 12.99
CA THR B 298 3.77 26.73 14.12
C THR B 298 2.50 27.47 13.71
N THR B 299 1.99 27.19 12.51
CA THR B 299 0.76 27.76 12.00
C THR B 299 -0.36 26.75 12.09
N TYR B 300 -1.56 27.11 12.53
CA TYR B 300 -2.64 26.12 12.54
C TYR B 300 -3.33 26.04 11.19
N ALA C 6 12.04 -14.26 35.39
CA ALA C 6 13.10 -14.83 36.20
C ALA C 6 14.51 -14.81 35.60
N CYS C 7 15.49 -15.06 36.45
CA CYS C 7 16.94 -14.99 36.16
C CYS C 7 17.42 -13.62 35.69
N GLY C 8 16.87 -12.98 34.64
CA GLY C 8 17.24 -11.61 34.22
C GLY C 8 17.15 -11.36 32.70
N TYR C 9 16.27 -12.09 32.00
CA TYR C 9 16.17 -12.01 30.55
C TYR C 9 15.61 -10.72 29.93
N SER C 10 15.92 -10.40 28.66
CA SER C 10 15.48 -9.11 28.09
C SER C 10 15.08 -9.01 26.63
N ASP C 11 14.27 -8.03 26.37
CA ASP C 11 13.76 -7.71 25.03
C ASP C 11 14.82 -7.19 24.04
N ARG C 12 15.90 -6.73 24.66
CA ARG C 12 17.06 -6.11 24.04
C ARG C 12 18.28 -7.01 23.90
N VAL C 13 18.25 -8.20 24.47
CA VAL C 13 19.39 -9.11 24.39
C VAL C 13 18.96 -10.38 23.68
N LEU C 14 19.44 -10.57 22.46
CA LEU C 14 19.06 -11.71 21.64
C LEU C 14 20.21 -12.56 21.13
N GLN C 15 19.86 -13.80 20.89
CA GLN C 15 20.73 -14.73 20.20
C GLN C 15 20.00 -15.42 19.05
N LEU C 16 20.51 -15.22 17.84
CA LEU C 16 19.95 -15.88 16.66
C LEU C 16 20.90 -16.99 16.22
N THR C 17 20.46 -18.23 16.25
CA THR C 17 21.31 -19.31 15.78
C THR C 17 20.70 -20.13 14.66
N LEU C 18 21.39 -20.07 13.54
CA LEU C 18 21.02 -20.78 12.32
C LEU C 18 22.19 -21.54 11.74
N GLY C 19 22.10 -22.86 11.53
CA GLY C 19 23.24 -23.63 11.00
C GLY C 19 24.54 -23.48 11.83
N ASN C 20 25.65 -23.16 11.21
CA ASN C 20 26.90 -22.94 11.98
C ASN C 20 27.13 -21.48 12.33
N SER C 21 26.06 -20.70 12.33
CA SER C 21 26.20 -19.27 12.57
C SER C 21 25.39 -18.74 13.72
N THR C 22 26.04 -17.96 14.57
CA THR C 22 25.38 -17.32 15.70
C THR C 22 25.60 -15.82 15.80
N ILE C 23 24.51 -15.08 15.96
CA ILE C 23 24.54 -13.63 16.18
C ILE C 23 24.08 -13.30 17.61
N THR C 24 24.84 -12.43 18.27
CA THR C 24 24.45 -11.92 19.59
C THR C 24 24.27 -10.41 19.52
N THR C 25 23.20 -9.89 20.12
CA THR C 25 23.01 -8.46 20.26
C THR C 25 22.64 -8.12 21.69
N GLN C 26 23.38 -7.18 22.27
CA GLN C 26 23.15 -6.71 23.63
C GLN C 26 22.23 -5.46 23.74
N GLU C 27 21.78 -4.95 22.60
CA GLU C 27 20.96 -3.74 22.48
C GLU C 27 19.96 -3.71 21.32
N ALA C 28 19.12 -4.72 21.23
CA ALA C 28 18.07 -4.81 20.23
C ALA C 28 16.72 -4.18 20.60
N ALA C 29 15.78 -4.09 19.68
CA ALA C 29 14.46 -3.53 19.98
C ALA C 29 13.37 -4.55 19.71
N ASN C 30 13.41 -5.66 20.47
CA ASN C 30 12.57 -6.83 20.22
C ASN C 30 12.79 -7.30 18.77
N SER C 31 11.89 -8.03 18.14
CA SER C 31 12.05 -8.41 16.74
C SER C 31 10.74 -8.54 16.01
N VAL C 32 10.74 -8.15 14.75
CA VAL C 32 9.55 -8.20 13.90
C VAL C 32 9.46 -9.49 13.10
N VAL C 33 8.29 -10.11 13.13
CA VAL C 33 7.94 -11.22 12.24
C VAL C 33 6.96 -10.64 11.21
N ALA C 34 7.48 -10.38 9.99
CA ALA C 34 6.72 -9.78 8.91
C ALA C 34 5.31 -10.32 8.69
N TYR C 35 4.29 -9.45 8.83
CA TYR C 35 2.87 -9.88 8.72
C TYR C 35 2.43 -11.00 9.66
N GLY C 36 3.14 -11.22 10.77
CA GLY C 36 2.78 -12.26 11.73
C GLY C 36 3.02 -13.71 11.29
N ARG C 37 3.73 -13.91 10.18
CA ARG C 37 3.95 -15.24 9.65
C ARG C 37 5.39 -15.72 9.66
N TRP C 38 5.65 -16.79 10.41
CA TRP C 38 7.00 -17.35 10.43
C TRP C 38 7.21 -18.13 9.12
N PRO C 39 8.38 -18.12 8.45
CA PRO C 39 8.65 -18.96 7.30
C PRO C 39 8.28 -20.43 7.34
N GLU C 40 7.71 -20.92 6.27
CA GLU C 40 7.37 -22.34 6.21
C GLU C 40 7.52 -23.02 4.85
N PHE C 41 7.58 -24.35 4.83
CA PHE C 41 7.66 -25.09 3.59
C PHE C 41 6.33 -25.24 2.82
N ILE C 42 6.36 -25.35 1.49
CA ILE C 42 5.17 -25.59 0.68
C ILE C 42 4.45 -26.87 1.05
N ARG C 43 3.26 -26.70 1.58
CA ARG C 43 2.34 -27.76 1.88
C ARG C 43 1.82 -28.58 0.71
N ASP C 44 1.64 -29.89 0.81
CA ASP C 44 1.07 -30.70 -0.25
C ASP C 44 -0.23 -30.18 -0.90
N ASP C 45 -1.09 -29.50 -0.16
CA ASP C 45 -2.31 -28.92 -0.74
C ASP C 45 -2.19 -27.53 -1.36
N GLU C 46 -0.97 -26.98 -1.30
CA GLU C 46 -0.61 -25.73 -1.97
C GLU C 46 0.51 -25.94 -2.98
N ALA C 47 0.91 -27.18 -3.14
CA ALA C 47 1.95 -27.60 -4.08
C ALA C 47 1.60 -27.50 -5.55
N ASN C 48 2.57 -27.20 -6.38
CA ASN C 48 2.34 -27.07 -7.81
C ASN C 48 3.37 -27.78 -8.69
N PRO C 49 4.71 -27.55 -8.71
CA PRO C 49 5.64 -28.44 -9.41
C PRO C 49 5.59 -29.88 -8.85
N VAL C 50 5.41 -30.95 -9.61
CA VAL C 50 5.28 -32.29 -9.02
C VAL C 50 6.57 -33.03 -8.62
N ASP C 51 7.73 -32.61 -9.13
CA ASP C 51 9.03 -33.23 -8.86
C ASP C 51 9.51 -33.07 -7.43
N GLN C 52 10.12 -34.10 -6.86
CA GLN C 52 10.70 -34.04 -5.52
C GLN C 52 11.69 -32.89 -5.33
N PRO C 53 11.42 -32.00 -4.36
CA PRO C 53 12.26 -30.86 -4.10
C PRO C 53 13.57 -31.16 -3.40
N THR C 54 14.49 -30.22 -3.51
CA THR C 54 15.75 -30.24 -2.79
C THR C 54 15.59 -29.33 -1.57
N GLU C 55 15.97 -29.82 -0.39
CA GLU C 55 15.99 -28.99 0.79
C GLU C 55 17.34 -28.99 1.49
N PRO C 56 18.30 -28.14 1.11
CA PRO C 56 19.66 -28.15 1.63
C PRO C 56 19.88 -27.83 3.12
N ASP C 57 18.82 -27.49 3.84
CA ASP C 57 18.84 -27.13 5.26
C ASP C 57 20.06 -26.35 5.77
N VAL C 58 20.83 -26.77 6.76
CA VAL C 58 21.98 -26.03 7.31
C VAL C 58 23.05 -25.52 6.35
N ALA C 59 23.22 -26.14 5.17
CA ALA C 59 24.18 -25.64 4.20
C ALA C 59 23.74 -24.40 3.42
N THR C 60 22.43 -24.15 3.32
CA THR C 60 21.96 -22.92 2.70
C THR C 60 21.26 -21.98 3.67
N CYS C 61 20.60 -22.49 4.69
CA CYS C 61 19.94 -21.66 5.69
C CYS C 61 20.80 -21.25 6.88
N ARG C 62 21.67 -20.29 6.59
CA ARG C 62 22.65 -19.73 7.51
C ARG C 62 22.98 -18.28 7.27
N PHE C 63 23.66 -17.60 8.20
CA PHE C 63 23.91 -16.17 8.05
C PHE C 63 25.05 -15.67 7.17
N TYR C 64 24.65 -15.20 5.99
CA TYR C 64 25.57 -14.54 5.08
C TYR C 64 25.69 -13.04 5.34
N THR C 65 26.89 -12.55 5.63
CA THR C 65 27.12 -11.12 5.82
C THR C 65 27.58 -10.46 4.54
N LEU C 66 26.76 -9.51 4.08
CA LEU C 66 27.04 -8.74 2.86
C LEU C 66 28.14 -7.69 3.06
N ASP C 67 28.76 -7.16 2.01
CA ASP C 67 29.76 -6.08 2.15
C ASP C 67 29.22 -4.87 2.92
N THR C 68 29.96 -4.37 3.89
CA THR C 68 29.54 -3.22 4.69
C THR C 68 29.43 -1.90 3.95
N VAL C 69 28.40 -1.12 4.26
CA VAL C 69 28.26 0.21 3.69
C VAL C 69 28.58 1.28 4.72
N MET C 70 29.09 2.45 4.40
CA MET C 70 29.35 3.45 5.43
C MET C 70 28.28 4.54 5.44
N TRP C 71 27.61 4.72 6.59
CA TRP C 71 26.68 5.83 6.78
C TRP C 71 27.45 7.08 7.17
N GLY C 72 27.22 8.16 6.47
CA GLY C 72 27.84 9.44 6.76
C GLY C 72 26.82 10.56 6.66
N LYS C 73 27.18 11.80 7.02
CA LYS C 73 26.28 12.96 6.96
C LYS C 73 25.50 13.25 5.67
N GLU C 74 26.08 12.87 4.53
CA GLU C 74 25.44 13.02 3.23
C GLU C 74 24.68 11.78 2.76
N SER C 75 24.73 10.66 3.47
CA SER C 75 24.10 9.44 3.04
C SER C 75 22.61 9.52 2.81
N LYS C 76 22.16 9.33 1.59
CA LYS C 76 20.75 9.33 1.26
C LYS C 76 19.92 8.06 1.41
N GLY C 77 20.56 6.90 1.44
CA GLY C 77 19.82 5.64 1.52
C GLY C 77 20.43 4.51 0.70
N TRP C 78 20.07 3.30 1.12
CA TRP C 78 20.55 2.04 0.54
C TRP C 78 19.39 1.09 0.27
N TRP C 79 19.48 0.24 -0.73
CA TRP C 79 18.47 -0.74 -1.02
C TRP C 79 19.00 -2.05 -1.61
N TRP C 80 18.45 -3.19 -1.24
CA TRP C 80 18.84 -4.48 -1.78
C TRP C 80 17.61 -5.25 -2.18
N LYS C 81 17.71 -6.25 -3.04
CA LYS C 81 16.56 -7.07 -3.39
C LYS C 81 16.78 -8.54 -3.00
N LEU C 82 15.77 -9.32 -2.64
CA LEU C 82 15.97 -10.71 -2.28
C LEU C 82 15.13 -11.67 -3.12
N PRO C 83 15.66 -12.80 -3.61
CA PRO C 83 17.03 -13.29 -3.40
C PRO C 83 18.26 -12.66 -4.03
N ASP C 84 18.16 -11.66 -4.93
CA ASP C 84 19.33 -11.06 -5.59
C ASP C 84 20.58 -10.76 -4.77
N ALA C 85 20.44 -10.14 -3.60
CA ALA C 85 21.55 -9.87 -2.68
C ALA C 85 22.40 -11.08 -2.31
N LEU C 86 21.73 -12.22 -2.31
CA LEU C 86 22.37 -13.49 -2.00
C LEU C 86 22.73 -14.38 -3.18
N ARG C 87 22.56 -13.97 -4.45
CA ARG C 87 22.86 -14.81 -5.62
C ARG C 87 24.23 -15.52 -5.68
N ASP C 88 25.21 -14.94 -5.03
CA ASP C 88 26.56 -15.52 -4.92
C ASP C 88 26.94 -16.00 -3.53
N MET C 89 25.99 -16.24 -2.67
CA MET C 89 26.27 -16.68 -1.32
C MET C 89 26.31 -18.19 -1.13
N GLY C 90 27.54 -18.70 -1.19
CA GLY C 90 27.86 -20.13 -1.01
C GLY C 90 26.95 -21.14 -1.72
N LEU C 91 26.56 -22.16 -0.99
CA LEU C 91 25.66 -23.16 -1.54
C LEU C 91 24.24 -22.66 -1.84
N PHE C 92 23.83 -21.51 -1.27
CA PHE C 92 22.52 -20.96 -1.58
C PHE C 92 22.45 -20.51 -3.04
N GLY C 93 23.42 -19.73 -3.46
CA GLY C 93 23.52 -19.26 -4.85
C GLY C 93 23.58 -20.38 -5.88
N GLN C 94 24.31 -21.43 -5.56
CA GLN C 94 24.39 -22.61 -6.41
C GLN C 94 23.04 -23.29 -6.57
N ASN C 95 22.36 -23.52 -5.46
CA ASN C 95 21.01 -24.09 -5.52
C ASN C 95 20.04 -23.23 -6.29
N MET C 96 20.16 -21.92 -6.10
CA MET C 96 19.36 -20.93 -6.82
C MET C 96 19.57 -20.96 -8.34
N TYR C 97 20.79 -21.05 -8.80
CA TYR C 97 21.06 -21.09 -10.22
C TYR C 97 20.97 -22.44 -10.92
N TYR C 98 21.18 -23.57 -10.21
CA TYR C 98 20.99 -24.89 -10.79
C TYR C 98 19.51 -25.34 -10.92
N HIS C 99 18.56 -24.66 -10.27
CA HIS C 99 17.15 -25.00 -10.34
C HIS C 99 16.25 -23.94 -10.96
N TYR C 100 15.27 -24.27 -11.79
CA TYR C 100 14.31 -23.31 -12.30
C TYR C 100 13.45 -22.65 -11.23
N LEU C 101 13.08 -23.44 -10.24
CA LEU C 101 12.23 -22.97 -9.16
C LEU C 101 12.89 -23.00 -7.79
N GLY C 102 12.63 -21.98 -6.98
CA GLY C 102 13.16 -21.92 -5.62
C GLY C 102 12.35 -21.02 -4.70
N ARG C 103 11.93 -21.46 -3.49
CA ARG C 103 11.35 -20.52 -2.54
C ARG C 103 12.18 -20.41 -1.29
N SER C 104 12.04 -19.26 -0.65
CA SER C 104 12.75 -18.93 0.58
C SER C 104 12.16 -17.84 1.44
N GLY C 105 12.20 -18.12 2.74
CA GLY C 105 11.96 -17.13 3.76
C GLY C 105 13.33 -16.60 4.20
N TYR C 106 13.45 -15.63 5.09
CA TYR C 106 14.72 -15.05 5.48
C TYR C 106 14.74 -14.46 6.90
N THR C 107 15.88 -14.38 7.57
CA THR C 107 15.97 -13.53 8.75
C THR C 107 16.91 -12.42 8.36
N VAL C 108 16.42 -11.18 8.33
CA VAL C 108 17.28 -10.03 8.07
C VAL C 108 17.80 -9.42 9.38
N HIS C 109 19.11 -9.37 9.55
CA HIS C 109 19.68 -8.68 10.71
C HIS C 109 20.57 -7.48 10.35
N VAL C 110 20.07 -6.27 10.57
CA VAL C 110 20.80 -5.04 10.20
C VAL C 110 21.56 -4.45 11.39
N GLN C 111 22.86 -4.17 11.18
CA GLN C 111 23.78 -3.72 12.22
C GLN C 111 24.32 -2.32 12.12
N CYS C 112 24.07 -1.48 13.12
CA CYS C 112 24.63 -0.12 13.17
C CYS C 112 24.91 0.36 14.59
N ASN C 113 26.16 0.28 15.06
CA ASN C 113 26.42 0.80 16.39
C ASN C 113 27.22 2.09 16.41
N ALA C 114 27.06 2.81 17.53
CA ALA C 114 27.77 4.06 17.71
C ALA C 114 28.18 4.44 19.14
N SER C 115 27.61 5.47 19.79
CA SER C 115 27.96 5.80 21.17
C SER C 115 26.86 6.63 21.81
N LYS C 116 26.75 6.76 23.14
CA LYS C 116 25.71 7.57 23.78
C LYS C 116 25.71 9.05 23.37
N PHE C 117 26.82 9.45 22.78
CA PHE C 117 27.00 10.79 22.29
C PHE C 117 26.76 10.95 20.78
N HIS C 118 26.55 9.87 20.04
CA HIS C 118 26.16 9.94 18.61
C HIS C 118 24.64 10.02 18.47
N GLN C 119 24.15 10.28 17.29
CA GLN C 119 22.74 10.55 17.09
C GLN C 119 22.26 10.25 15.67
N GLY C 120 21.02 9.85 15.52
CA GLY C 120 20.50 9.53 14.20
C GLY C 120 19.55 8.33 14.21
N ALA C 121 18.70 8.23 13.20
CA ALA C 121 17.73 7.16 13.14
C ALA C 121 17.59 6.56 11.77
N LEU C 122 17.88 5.26 11.70
CA LEU C 122 17.73 4.52 10.44
C LEU C 122 16.39 3.84 10.30
N GLY C 123 15.73 4.04 9.16
CA GLY C 123 14.46 3.35 8.90
C GLY C 123 14.70 2.05 8.13
N VAL C 124 14.62 0.88 8.78
CA VAL C 124 14.79 -0.39 8.08
C VAL C 124 13.46 -1.00 7.61
N PHE C 125 13.27 -0.96 6.29
CA PHE C 125 12.07 -1.44 5.63
C PHE C 125 12.11 -2.70 4.78
N ALA C 126 11.25 -3.66 5.07
CA ALA C 126 11.09 -4.86 4.25
C ALA C 126 9.83 -4.76 3.37
N ILE C 127 10.02 -4.66 2.06
CA ILE C 127 8.90 -4.45 1.14
C ILE C 127 8.56 -5.58 0.17
N PRO C 128 7.33 -6.12 0.12
CA PRO C 128 6.91 -7.12 -0.87
C PRO C 128 6.91 -6.52 -2.28
N GLU C 129 7.40 -7.20 -3.32
CA GLU C 129 7.42 -6.66 -4.69
C GLU C 129 7.96 -5.22 -4.89
N TYR C 130 9.17 -4.91 -4.37
CA TYR C 130 9.69 -3.54 -4.43
C TYR C 130 10.07 -2.96 -5.78
N CYS C 131 9.06 -2.62 -6.56
CA CYS C 131 9.28 -2.04 -7.88
C CYS C 131 9.80 -0.62 -7.85
N LEU C 132 10.99 -0.37 -8.35
CA LEU C 132 11.57 0.99 -8.39
C LEU C 132 11.37 1.76 -9.70
N ALA C 133 11.42 3.09 -9.64
CA ALA C 133 11.32 3.90 -10.85
C ALA C 133 12.62 4.11 -11.63
N GLY C 134 12.53 4.40 -12.90
CA GLY C 134 13.73 4.53 -13.72
C GLY C 134 14.27 5.91 -14.05
N ASP C 135 15.32 5.78 -14.86
CA ASP C 135 16.09 6.80 -15.56
C ASP C 135 15.46 7.91 -16.39
N SER C 136 14.65 7.35 -17.27
CA SER C 136 14.15 7.99 -18.48
C SER C 136 12.70 8.34 -18.67
N ASP C 137 12.51 8.97 -19.83
CA ASP C 137 11.22 9.15 -20.49
C ASP C 137 10.56 7.81 -20.78
N LYS C 138 11.44 6.86 -21.06
CA LYS C 138 11.08 5.47 -21.32
C LYS C 138 10.48 4.74 -20.12
N GLN C 139 9.32 4.16 -20.32
CA GLN C 139 8.67 3.43 -19.24
C GLN C 139 9.04 1.97 -19.15
N ARG C 140 9.27 1.49 -17.92
CA ARG C 140 9.62 0.10 -17.63
C ARG C 140 10.84 -0.42 -18.42
N TYR C 141 11.77 0.50 -18.59
CA TYR C 141 12.99 0.30 -19.34
C TYR C 141 14.27 -0.07 -18.55
N THR C 142 14.24 -0.18 -17.24
CA THR C 142 15.42 -0.55 -16.46
C THR C 142 15.92 -1.95 -16.77
N SER C 143 17.15 -2.12 -17.17
CA SER C 143 17.68 -3.43 -17.54
C SER C 143 17.87 -4.44 -16.41
N TYR C 144 17.68 -5.76 -16.64
CA TYR C 144 17.95 -6.81 -15.65
C TYR C 144 19.27 -6.61 -14.93
N ALA C 145 20.38 -6.40 -15.66
CA ALA C 145 21.67 -6.09 -15.05
C ALA C 145 21.62 -4.91 -14.08
N ASN C 146 20.96 -3.80 -14.42
CA ASN C 146 20.86 -2.66 -13.49
C ASN C 146 19.81 -2.81 -12.40
N ALA C 147 18.79 -3.63 -12.63
CA ALA C 147 17.77 -3.90 -11.62
C ALA C 147 18.25 -4.74 -10.46
N ASN C 148 19.27 -5.54 -10.77
CA ASN C 148 19.86 -6.48 -9.83
C ASN C 148 21.30 -6.23 -9.43
N PRO C 149 21.65 -5.38 -8.45
CA PRO C 149 23.02 -5.12 -8.06
C PRO C 149 23.68 -6.21 -7.25
N GLY C 150 22.98 -7.32 -6.98
CA GLY C 150 23.47 -8.34 -6.04
C GLY C 150 23.79 -7.80 -4.64
N GLU C 151 24.84 -8.31 -4.04
CA GLU C 151 25.35 -7.91 -2.74
C GLU C 151 25.63 -6.42 -2.56
N ARG C 152 26.13 -5.82 -3.63
CA ARG C 152 26.50 -4.41 -3.65
C ARG C 152 25.32 -3.48 -3.33
N GLY C 153 24.12 -3.94 -3.69
CA GLY C 153 22.92 -3.14 -3.53
C GLY C 153 22.89 -1.86 -4.33
N GLY C 154 21.92 -1.02 -4.03
CA GLY C 154 21.77 0.24 -4.69
C GLY C 154 21.61 1.37 -3.70
N LYS C 155 21.57 2.57 -4.22
CA LYS C 155 21.37 3.74 -3.41
C LYS C 155 20.20 4.62 -3.82
N PHE C 156 19.71 5.38 -2.86
CA PHE C 156 18.68 6.37 -3.11
C PHE C 156 19.28 7.73 -3.45
N TYR C 157 18.50 8.58 -4.05
CA TYR C 157 18.90 9.92 -4.40
C TYR C 157 17.94 10.99 -3.83
N SER C 158 18.39 12.23 -3.61
CA SER C 158 17.49 13.27 -3.12
C SER C 158 16.51 13.92 -4.05
N GLN C 159 16.74 13.76 -5.35
CA GLN C 159 15.89 14.33 -6.40
C GLN C 159 15.97 13.57 -7.70
N PHE C 160 14.96 13.76 -8.56
CA PHE C 160 14.93 13.10 -9.86
C PHE C 160 15.76 13.74 -10.96
N ASN C 161 16.99 13.28 -11.12
CA ASN C 161 17.81 13.71 -12.26
C ASN C 161 17.64 12.69 -13.39
N LYS C 162 16.88 13.12 -14.37
CA LYS C 162 16.59 12.28 -15.51
C LYS C 162 17.77 11.90 -16.42
N ASP C 163 18.01 10.61 -16.70
CA ASP C 163 19.00 10.20 -17.70
C ASP C 163 18.66 10.70 -19.11
N ASN C 164 19.24 11.85 -19.37
CA ASN C 164 19.08 12.51 -20.64
C ASN C 164 19.62 11.99 -21.98
N ALA C 165 20.64 11.15 -22.08
CA ALA C 165 21.19 10.76 -23.38
C ALA C 165 20.50 9.66 -24.19
N VAL C 166 19.49 10.02 -25.01
CA VAL C 166 18.72 9.05 -25.83
C VAL C 166 19.56 8.03 -26.64
N THR C 167 20.66 8.52 -27.21
CA THR C 167 21.61 7.69 -27.97
C THR C 167 22.19 6.44 -27.30
N SER C 168 22.63 6.53 -26.04
CA SER C 168 23.24 5.41 -25.31
C SER C 168 22.74 5.34 -23.88
N PRO C 169 21.50 4.93 -23.64
CA PRO C 169 20.83 5.17 -22.38
C PRO C 169 21.44 4.38 -21.22
N LYS C 170 21.64 4.95 -20.02
CA LYS C 170 22.08 4.14 -18.89
C LYS C 170 21.16 2.97 -18.44
N ARG C 171 19.87 2.94 -18.80
CA ARG C 171 18.86 1.97 -18.36
C ARG C 171 18.85 1.54 -16.89
N GLU C 172 19.17 2.51 -16.06
CA GLU C 172 19.19 2.43 -14.61
C GLU C 172 17.94 2.93 -13.87
N PHE C 173 17.88 2.66 -12.57
CA PHE C 173 16.82 3.19 -11.70
C PHE C 173 17.16 4.59 -11.18
N CYS C 174 16.16 5.43 -10.88
CA CYS C 174 16.44 6.68 -10.21
C CYS C 174 15.61 6.79 -8.93
N PRO C 175 15.96 6.09 -7.84
CA PRO C 175 15.15 6.04 -6.62
C PRO C 175 15.18 7.30 -5.78
N VAL C 176 14.17 8.14 -5.82
CA VAL C 176 14.13 9.37 -4.99
C VAL C 176 13.63 9.08 -3.57
N ASP C 177 14.47 9.30 -2.56
CA ASP C 177 14.17 9.03 -1.15
C ASP C 177 12.76 9.33 -0.60
N TYR C 178 12.25 10.57 -0.58
CA TYR C 178 10.92 10.86 -0.06
C TYR C 178 9.77 10.27 -0.88
N LEU C 179 10.06 9.77 -2.08
CA LEU C 179 9.07 9.05 -2.88
C LEU C 179 9.25 7.53 -2.86
N LEU C 180 10.03 7.06 -1.87
CA LEU C 180 10.45 5.67 -1.66
C LEU C 180 11.00 5.02 -2.93
N GLY C 181 11.49 5.86 -3.84
CA GLY C 181 11.93 5.45 -5.17
C GLY C 181 10.86 4.83 -6.05
N CYS C 182 9.59 4.89 -5.64
CA CYS C 182 8.48 4.25 -6.35
C CYS C 182 7.19 5.02 -6.51
N GLY C 183 7.18 6.33 -6.31
CA GLY C 183 5.99 7.13 -6.60
C GLY C 183 4.99 7.36 -5.48
N VAL C 184 5.33 6.94 -4.27
CA VAL C 184 4.48 7.11 -3.11
C VAL C 184 5.21 7.88 -1.99
N LEU C 185 4.69 8.34 -0.85
CA LEU C 185 5.52 9.02 0.13
C LEU C 185 6.18 8.18 1.22
N LEU C 186 7.45 8.42 1.52
CA LEU C 186 8.20 7.66 2.54
C LEU C 186 7.56 7.54 3.91
N GLY C 187 6.91 8.57 4.41
CA GLY C 187 6.24 8.51 5.71
C GLY C 187 5.22 7.38 5.86
N ASN C 188 4.65 6.95 4.73
CA ASN C 188 3.74 5.82 4.75
C ASN C 188 4.40 4.44 4.62
N ALA C 189 5.71 4.34 4.43
CA ALA C 189 6.39 3.05 4.30
C ALA C 189 6.27 2.13 5.50
N PHE C 190 5.84 2.71 6.62
CA PHE C 190 5.56 2.03 7.88
C PHE C 190 4.39 1.05 7.81
N VAL C 191 3.52 1.16 6.81
CA VAL C 191 2.54 0.09 6.57
C VAL C 191 3.25 -1.21 6.17
N TYR C 192 4.50 -1.13 5.74
CA TYR C 192 5.35 -2.28 5.47
C TYR C 192 6.07 -2.77 6.72
N PRO C 193 6.42 -4.07 6.83
CA PRO C 193 7.23 -4.61 7.93
C PRO C 193 8.54 -3.89 8.17
N HIS C 194 8.70 -3.33 9.36
CA HIS C 194 9.84 -2.46 9.63
C HIS C 194 10.34 -2.41 11.06
N GLN C 195 11.55 -1.86 11.21
CA GLN C 195 12.06 -1.48 12.52
C GLN C 195 12.85 -0.20 12.40
N ILE C 196 13.07 0.49 13.50
CA ILE C 196 13.87 1.71 13.45
C ILE C 196 15.15 1.56 14.23
N ILE C 197 16.32 1.80 13.67
CA ILE C 197 17.54 1.82 14.43
C ILE C 197 17.73 3.24 14.94
N ASN C 198 17.18 3.58 16.12
CA ASN C 198 17.38 4.92 16.68
C ASN C 198 18.64 4.83 17.52
N LEU C 199 19.76 5.45 17.13
CA LEU C 199 21.04 5.27 17.83
C LEU C 199 21.08 5.42 19.36
N ARG C 200 20.15 6.19 19.98
CA ARG C 200 20.10 6.25 21.43
C ARG C 200 19.40 5.08 22.11
N THR C 201 18.72 4.29 21.31
CA THR C 201 17.96 3.12 21.76
C THR C 201 18.54 1.78 21.39
N ASN C 202 18.93 1.56 20.13
CA ASN C 202 19.35 0.23 19.70
C ASN C 202 20.47 0.08 18.66
N ASN C 203 21.37 -0.91 18.73
CA ASN C 203 22.38 -1.12 17.67
C ASN C 203 21.78 -1.75 16.42
N SER C 204 20.64 -2.38 16.53
CA SER C 204 20.18 -3.20 15.41
C SER C 204 18.72 -3.44 15.21
N ALA C 205 18.41 -4.00 14.05
CA ALA C 205 17.05 -4.40 13.68
C ALA C 205 16.95 -5.82 13.15
N THR C 206 15.98 -6.57 13.63
CA THR C 206 15.79 -7.96 13.20
C THR C 206 14.37 -8.20 12.69
N ILE C 207 14.27 -8.32 11.37
CA ILE C 207 13.01 -8.62 10.70
C ILE C 207 13.04 -10.07 10.16
N VAL C 208 12.15 -10.93 10.60
CA VAL C 208 11.98 -12.26 10.01
C VAL C 208 10.96 -12.18 8.87
N LEU C 209 11.28 -12.76 7.71
CA LEU C 209 10.44 -12.70 6.51
C LEU C 209 9.96 -14.04 5.99
N PRO C 210 8.65 -14.23 5.79
CA PRO C 210 8.10 -15.39 5.09
C PRO C 210 8.33 -15.28 3.59
N TYR C 211 8.15 -16.35 2.82
CA TYR C 211 8.10 -16.17 1.36
C TYR C 211 6.75 -15.49 1.04
N VAL C 212 6.74 -14.29 0.47
CA VAL C 212 5.52 -13.67 0.00
C VAL C 212 5.50 -13.64 -1.53
N ASN C 213 4.43 -14.16 -2.11
CA ASN C 213 4.23 -14.19 -3.54
C ASN C 213 2.81 -14.61 -3.90
N ALA C 214 2.38 -14.31 -5.12
CA ALA C 214 1.09 -14.75 -5.66
C ALA C 214 1.07 -16.22 -6.14
N LEU C 215 2.23 -16.85 -6.10
CA LEU C 215 2.45 -18.26 -6.42
C LEU C 215 3.08 -19.01 -5.23
N ALA C 216 2.93 -20.33 -5.03
CA ALA C 216 3.67 -21.04 -3.98
C ALA C 216 5.20 -20.99 -4.13
N ILE C 217 5.62 -21.02 -5.40
CA ILE C 217 7.02 -20.96 -5.81
C ILE C 217 7.16 -20.31 -7.20
N ASP C 218 8.32 -19.75 -7.46
CA ASP C 218 8.57 -19.01 -8.70
C ASP C 218 10.05 -19.06 -9.13
N SER C 219 10.39 -18.39 -10.22
CA SER C 219 11.80 -18.25 -10.59
C SER C 219 12.48 -17.17 -9.77
N MET C 220 13.40 -17.59 -8.90
CA MET C 220 14.24 -16.66 -8.13
C MET C 220 15.15 -15.83 -9.05
N VAL C 221 15.56 -16.37 -10.19
CA VAL C 221 16.43 -15.65 -11.11
C VAL C 221 15.69 -14.56 -11.91
N LYS C 222 14.39 -14.75 -12.16
CA LYS C 222 13.60 -13.77 -12.87
C LYS C 222 12.90 -12.77 -11.96
N HIS C 223 12.82 -13.07 -10.68
CA HIS C 223 11.96 -12.31 -9.79
C HIS C 223 12.37 -12.17 -8.34
N ASN C 224 12.39 -10.94 -7.87
CA ASN C 224 12.68 -10.67 -6.48
C ASN C 224 11.39 -10.56 -5.66
N ASN C 225 11.31 -11.23 -4.50
CA ASN C 225 10.07 -11.26 -3.69
C ASN C 225 9.97 -10.15 -2.66
N TRP C 226 11.13 -9.90 -2.06
CA TRP C 226 11.32 -8.86 -1.05
C TRP C 226 12.35 -7.81 -1.41
N GLY C 227 12.16 -6.57 -1.00
CA GLY C 227 13.17 -5.53 -1.17
C GLY C 227 13.53 -4.96 0.17
N ILE C 228 14.81 -4.69 0.45
CA ILE C 228 15.22 -4.10 1.71
C ILE C 228 15.64 -2.65 1.47
N ALA C 229 14.89 -1.73 2.06
CA ALA C 229 15.15 -0.31 1.97
C ALA C 229 15.59 0.30 3.30
N ILE C 230 16.75 0.93 3.32
CA ILE C 230 17.25 1.57 4.53
C ILE C 230 17.52 3.06 4.24
N LEU C 231 16.57 3.87 4.70
CA LEU C 231 16.63 5.32 4.55
C LEU C 231 16.83 6.05 5.89
N PRO C 232 17.78 6.96 6.06
CA PRO C 232 17.98 7.65 7.31
C PRO C 232 16.82 8.60 7.63
N LEU C 233 15.92 8.27 8.54
CA LEU C 233 14.80 9.15 8.86
C LEU C 233 15.27 10.42 9.53
N SER C 234 16.33 10.24 10.29
CA SER C 234 17.00 11.36 10.97
C SER C 234 18.51 11.25 10.74
N PRO C 235 19.19 12.27 10.21
CA PRO C 235 20.60 12.23 9.82
C PRO C 235 21.62 11.90 10.91
N LEU C 236 22.75 11.32 10.49
CA LEU C 236 23.84 11.01 11.41
C LEU C 236 24.48 12.28 11.96
N ASP C 237 24.62 12.35 13.26
CA ASP C 237 25.27 13.47 13.87
C ASP C 237 26.10 13.12 15.09
N PHE C 238 27.24 13.77 15.15
CA PHE C 238 28.17 13.54 16.25
C PHE C 238 28.96 14.77 16.71
N ALA C 239 29.02 14.90 18.05
CA ALA C 239 29.75 15.98 18.74
C ALA C 239 29.64 17.30 17.99
N GLN C 240 30.65 17.74 17.23
CA GLN C 240 30.46 18.82 16.25
C GLN C 240 31.22 18.50 14.98
N ASP C 241 31.80 17.29 14.91
CA ASP C 241 32.61 16.88 13.77
C ASP C 241 31.73 16.70 12.52
N SER C 242 31.71 17.69 11.63
CA SER C 242 30.88 17.66 10.40
C SER C 242 31.01 16.49 9.44
N SER C 243 32.11 15.74 9.45
CA SER C 243 32.24 14.56 8.60
C SER C 243 32.29 13.21 9.33
N VAL C 244 31.34 13.04 10.25
CA VAL C 244 31.12 11.77 10.97
C VAL C 244 30.87 10.59 10.02
N GLU C 245 31.24 9.37 10.38
CA GLU C 245 30.96 8.20 9.53
C GLU C 245 30.91 6.86 10.23
N ILE C 246 29.75 6.20 10.31
CA ILE C 246 29.68 4.88 10.95
C ILE C 246 29.26 3.74 10.02
N PRO C 247 29.74 2.48 10.20
CA PRO C 247 29.41 1.35 9.34
C PRO C 247 28.02 0.77 9.54
N ILE C 248 27.34 0.43 8.47
CA ILE C 248 26.09 -0.31 8.54
C ILE C 248 26.34 -1.65 7.87
N THR C 249 26.19 -2.70 8.64
CA THR C 249 26.36 -4.05 8.15
C THR C 249 25.08 -4.89 8.07
N VAL C 250 24.75 -5.39 6.87
CA VAL C 250 23.56 -6.22 6.68
C VAL C 250 23.87 -7.73 6.66
N THR C 251 23.31 -8.50 7.59
CA THR C 251 23.53 -9.95 7.60
C THR C 251 22.23 -10.68 7.33
N ILE C 252 22.14 -11.47 6.28
CA ILE C 252 20.91 -12.18 5.92
C ILE C 252 21.03 -13.71 5.89
N ALA C 253 20.00 -14.38 6.35
CA ALA C 253 19.95 -15.82 6.32
C ALA C 253 18.72 -16.33 5.58
N PRO C 254 18.85 -17.20 4.58
CA PRO C 254 17.75 -17.98 4.06
C PRO C 254 17.11 -18.90 5.05
N MET C 255 15.80 -19.07 4.91
CA MET C 255 14.99 -19.89 5.79
C MET C 255 13.98 -20.75 5.04
N CYS C 256 13.82 -22.00 5.44
CA CYS C 256 12.94 -22.97 4.79
C CYS C 256 13.04 -23.04 3.26
N SER C 257 14.26 -22.86 2.77
CA SER C 257 14.59 -22.91 1.34
C SER C 257 14.28 -24.23 0.68
N GLU C 258 13.47 -24.19 -0.37
CA GLU C 258 13.27 -25.41 -1.15
C GLU C 258 13.31 -25.18 -2.65
N PHE C 259 13.92 -26.14 -3.33
CA PHE C 259 14.13 -26.01 -4.78
C PHE C 259 13.50 -27.05 -5.70
N ASN C 260 12.90 -26.60 -6.78
CA ASN C 260 12.34 -27.48 -7.79
C ASN C 260 12.83 -27.27 -9.21
N GLY C 261 12.75 -28.29 -10.07
CA GLY C 261 13.15 -28.19 -11.46
C GLY C 261 14.65 -28.11 -11.73
N LEU C 262 15.39 -29.09 -11.24
CA LEU C 262 16.83 -29.17 -11.47
C LEU C 262 17.26 -29.51 -12.91
N ARG C 263 18.25 -28.76 -13.33
CA ARG C 263 18.90 -28.97 -14.61
C ARG C 263 20.30 -28.32 -14.66
N ASN C 264 20.83 -27.95 -15.81
CA ASN C 264 22.14 -27.31 -15.87
C ASN C 264 22.14 -25.90 -15.30
N VAL C 265 23.31 -25.44 -14.82
CA VAL C 265 23.41 -24.11 -14.22
C VAL C 265 23.11 -22.86 -15.08
N THR C 266 22.33 -21.97 -14.50
CA THR C 266 22.05 -20.70 -15.13
C THR C 266 23.19 -19.72 -14.95
N ALA C 267 23.73 -19.25 -16.07
CA ALA C 267 24.80 -18.25 -16.07
C ALA C 267 24.31 -16.89 -16.60
N PRO C 268 23.78 -16.01 -15.78
CA PRO C 268 23.23 -14.73 -16.26
C PRO C 268 24.30 -13.76 -16.71
N LYS C 269 23.94 -12.82 -17.54
CA LYS C 269 24.89 -11.82 -17.95
C LYS C 269 24.70 -10.54 -17.17
N PHE C 270 25.66 -10.38 -16.26
CA PHE C 270 25.70 -9.18 -15.43
C PHE C 270 26.57 -8.05 -15.94
N GLN C 271 26.86 -8.18 -17.21
CA GLN C 271 27.67 -7.23 -17.92
C GLN C 271 26.83 -6.30 -18.80
N GLY D 1 -47.27 -16.48 -19.93
CA GLY D 1 -46.69 -15.13 -19.81
C GLY D 1 -47.13 -14.42 -18.52
N LEU D 2 -46.31 -14.29 -17.50
CA LEU D 2 -46.71 -13.64 -16.27
C LEU D 2 -46.97 -12.14 -16.45
N PRO D 3 -48.16 -11.61 -16.18
CA PRO D 3 -48.44 -10.20 -16.26
C PRO D 3 -47.55 -9.39 -15.33
N VAL D 4 -46.66 -8.56 -15.86
CA VAL D 4 -45.81 -7.67 -15.09
C VAL D 4 -45.96 -6.20 -15.47
N LEU D 5 -45.59 -5.30 -14.57
CA LEU D 5 -45.61 -3.86 -14.79
C LEU D 5 -44.28 -3.22 -14.39
N ASN D 6 -43.64 -2.64 -15.36
CA ASN D 6 -42.38 -1.96 -15.17
C ASN D 6 -42.41 -0.71 -14.31
N THR D 7 -41.60 -0.65 -13.25
CA THR D 7 -41.54 0.56 -12.42
C THR D 7 -40.50 1.58 -12.84
N PRO D 8 -40.57 2.86 -12.45
CA PRO D 8 -39.42 3.76 -12.51
C PRO D 8 -38.09 3.20 -12.00
N GLY D 9 -37.04 3.57 -12.72
CA GLY D 9 -35.73 3.02 -12.48
C GLY D 9 -35.44 1.90 -13.46
N SER D 10 -36.46 1.26 -14.03
CA SER D 10 -36.28 0.28 -15.09
C SER D 10 -35.36 0.72 -16.22
N ASN D 11 -34.32 -0.04 -16.49
CA ASN D 11 -33.29 0.19 -17.52
C ASN D 11 -32.23 1.25 -17.29
N GLN D 12 -32.08 1.73 -16.07
CA GLN D 12 -31.01 2.65 -15.73
C GLN D 12 -29.73 1.92 -15.38
N TYR D 13 -28.60 2.59 -15.43
CA TYR D 13 -27.40 2.01 -14.83
C TYR D 13 -26.85 2.88 -13.69
N LEU D 14 -26.99 2.35 -12.50
CA LEU D 14 -26.42 2.96 -11.30
C LEU D 14 -25.08 2.32 -10.87
N THR D 15 -23.95 3.04 -10.99
CA THR D 15 -22.59 2.65 -10.57
C THR D 15 -22.51 1.91 -9.23
N SER D 16 -23.31 2.35 -8.27
CA SER D 16 -23.45 1.79 -6.92
C SER D 16 -24.29 0.53 -6.77
N ASP D 17 -24.85 -0.07 -7.82
CA ASP D 17 -25.74 -1.21 -7.61
C ASP D 17 -25.16 -2.59 -7.31
N ASN D 18 -26.03 -3.48 -6.82
CA ASN D 18 -25.63 -4.84 -6.55
C ASN D 18 -26.49 -5.94 -7.18
N HIS D 19 -26.21 -6.33 -8.41
CA HIS D 19 -27.00 -7.33 -9.14
C HIS D 19 -26.23 -8.46 -9.83
N GLN D 20 -26.91 -9.56 -10.05
CA GLN D 20 -26.39 -10.65 -10.85
C GLN D 20 -26.35 -10.33 -12.35
N SER D 21 -25.57 -11.11 -13.08
CA SER D 21 -25.43 -10.92 -14.52
C SER D 21 -24.79 -12.12 -15.19
N PRO D 22 -25.00 -12.44 -16.49
CA PRO D 22 -24.48 -13.63 -17.12
C PRO D 22 -22.96 -13.81 -17.06
N CYS D 23 -22.45 -14.98 -16.74
CA CYS D 23 -21.01 -15.21 -16.78
C CYS D 23 -20.46 -15.41 -18.20
N ALA D 24 -19.62 -14.49 -18.62
CA ALA D 24 -19.00 -14.53 -19.93
C ALA D 24 -18.12 -15.73 -20.26
N ILE D 25 -17.52 -16.37 -19.27
CA ILE D 25 -16.73 -17.56 -19.51
C ILE D 25 -17.30 -18.67 -18.62
N PRO D 26 -18.32 -19.43 -19.11
CA PRO D 26 -18.89 -20.56 -18.41
C PRO D 26 -17.94 -21.69 -18.08
N GLU D 27 -18.14 -22.31 -16.92
CA GLU D 27 -17.35 -23.43 -16.41
C GLU D 27 -15.84 -23.28 -16.35
N PHE D 28 -15.31 -22.05 -16.38
CA PHE D 28 -13.86 -21.82 -16.26
C PHE D 28 -13.24 -22.47 -15.03
N ASP D 29 -12.21 -23.28 -15.18
CA ASP D 29 -11.55 -23.86 -13.99
C ASP D 29 -10.69 -22.84 -13.26
N VAL D 30 -11.25 -22.24 -12.23
CA VAL D 30 -10.58 -21.23 -11.42
C VAL D 30 -9.40 -21.73 -10.61
N THR D 31 -8.29 -21.00 -10.67
CA THR D 31 -7.13 -21.34 -9.83
C THR D 31 -7.49 -21.14 -8.36
N PRO D 32 -7.28 -22.13 -7.50
CA PRO D 32 -7.57 -22.02 -6.08
C PRO D 32 -6.79 -20.97 -5.31
N PRO D 33 -7.30 -20.44 -4.22
CA PRO D 33 -6.56 -19.59 -3.30
C PRO D 33 -5.35 -20.27 -2.65
N ILE D 34 -4.20 -19.64 -2.45
CA ILE D 34 -3.23 -20.19 -1.48
C ILE D 34 -3.19 -19.25 -0.26
N ASP D 35 -2.81 -19.68 0.94
CA ASP D 35 -2.76 -18.75 2.08
C ASP D 35 -1.61 -17.75 1.99
N ILE D 36 -1.86 -16.60 1.38
CA ILE D 36 -0.87 -15.54 1.31
C ILE D 36 -0.87 -14.71 2.59
N PRO D 37 0.27 -14.42 3.20
CA PRO D 37 0.37 -13.48 4.31
C PRO D 37 0.06 -12.01 4.00
N GLY D 38 -0.42 -11.25 4.99
CA GLY D 38 -0.73 -9.84 4.81
C GLY D 38 -2.13 -9.50 4.34
N GLU D 39 -3.13 -10.37 4.55
CA GLU D 39 -4.48 -10.04 4.11
C GLU D 39 -5.20 -8.93 4.87
N VAL D 40 -5.90 -8.05 4.14
CA VAL D 40 -6.66 -6.98 4.78
C VAL D 40 -8.18 -7.20 4.61
N LYS D 41 -8.99 -6.99 5.65
CA LYS D 41 -10.44 -7.12 5.52
C LYS D 41 -11.19 -5.79 5.54
N ASN D 42 -10.59 -4.76 6.13
CA ASN D 42 -11.22 -3.44 6.23
C ASN D 42 -10.19 -2.30 6.15
N MET D 43 -10.42 -1.29 5.30
CA MET D 43 -9.50 -0.17 5.10
C MET D 43 -9.08 0.57 6.38
N MET D 44 -9.94 0.59 7.40
CA MET D 44 -9.58 1.21 8.67
C MET D 44 -8.40 0.50 9.33
N GLU D 45 -8.13 -0.78 9.03
CA GLU D 45 -6.89 -1.44 9.46
C GLU D 45 -5.63 -0.66 9.10
N LEU D 46 -5.62 -0.08 7.90
CA LEU D 46 -4.48 0.69 7.43
C LEU D 46 -4.37 2.02 8.13
N ALA D 47 -5.48 2.70 8.38
CA ALA D 47 -5.48 3.98 9.11
C ALA D 47 -5.13 3.82 10.59
N GLU D 48 -5.21 2.60 11.09
CA GLU D 48 -4.76 2.31 12.45
C GLU D 48 -3.27 2.08 12.56
N ILE D 49 -2.56 1.88 11.46
CA ILE D 49 -1.11 1.69 11.49
C ILE D 49 -0.38 3.03 11.58
N ASP D 50 0.53 3.21 12.51
CA ASP D 50 1.29 4.45 12.62
C ASP D 50 2.06 4.83 11.36
N THR D 51 1.94 6.07 10.88
CA THR D 51 2.73 6.55 9.74
C THR D 51 3.32 7.91 10.03
N MET D 52 4.51 8.19 9.47
CA MET D 52 5.22 9.43 9.73
C MET D 52 4.56 10.68 9.15
N ILE D 53 4.33 11.63 10.04
CA ILE D 53 3.72 12.90 9.72
C ILE D 53 4.72 13.88 9.09
N PRO D 54 4.46 14.48 7.92
CA PRO D 54 5.29 15.55 7.38
C PRO D 54 5.10 16.83 8.20
N LEU D 55 5.48 16.83 9.47
CA LEU D 55 5.27 17.96 10.36
C LEU D 55 5.93 19.30 10.00
N ASN D 56 6.89 19.31 9.10
CA ASN D 56 7.57 20.53 8.74
C ASN D 56 7.52 20.90 7.26
N LEU D 57 6.47 21.60 6.87
CA LEU D 57 6.28 22.00 5.47
C LEU D 57 6.67 23.42 5.13
N GLU D 58 7.68 23.96 5.80
CA GLU D 58 8.24 25.27 5.46
C GLU D 58 8.86 25.31 4.07
N SER D 59 8.83 26.44 3.37
CA SER D 59 9.38 26.62 2.02
C SER D 59 10.45 25.67 1.44
N THR D 60 11.59 25.58 2.08
CA THR D 60 12.67 24.69 1.62
C THR D 60 12.63 23.25 2.12
N LYS D 61 11.83 23.05 3.16
CA LYS D 61 11.63 21.80 3.83
C LYS D 61 10.56 20.91 3.20
N ARG D 62 9.44 21.44 2.68
CA ARG D 62 8.43 20.60 2.05
C ARG D 62 8.90 19.80 0.83
N ASN D 63 8.30 18.65 0.57
CA ASN D 63 8.70 17.76 -0.54
C ASN D 63 10.19 17.38 -0.58
N THR D 64 10.71 17.21 0.62
CA THR D 64 12.08 16.82 0.83
C THR D 64 12.17 15.92 2.06
N MET D 65 13.21 15.15 2.38
CA MET D 65 13.21 14.34 3.60
C MET D 65 13.12 15.11 4.90
N ASP D 66 13.55 16.38 4.88
CA ASP D 66 13.45 17.24 6.06
C ASP D 66 12.04 17.60 6.51
N MET D 67 11.01 17.44 5.67
CA MET D 67 9.64 17.68 6.08
C MET D 67 9.14 16.79 7.26
N TYR D 68 9.80 15.65 7.46
CA TYR D 68 9.47 14.75 8.55
C TYR D 68 10.23 15.02 9.83
N ARG D 69 11.18 15.95 9.77
CA ARG D 69 12.11 16.23 10.88
C ARG D 69 11.84 17.52 11.66
N VAL D 70 11.34 17.48 12.87
CA VAL D 70 11.21 18.74 13.60
C VAL D 70 12.43 18.94 14.48
N THR D 71 13.15 20.06 14.29
CA THR D 71 14.32 20.33 15.11
C THR D 71 14.13 20.88 16.52
N LEU D 72 14.64 20.12 17.47
CA LEU D 72 14.65 20.50 18.88
C LEU D 72 16.07 20.95 19.27
N SER D 73 16.25 21.87 20.20
CA SER D 73 17.61 22.30 20.56
C SER D 73 17.75 22.85 21.95
N ASP D 74 18.91 22.66 22.60
CA ASP D 74 19.05 23.17 23.97
C ASP D 74 19.04 24.69 24.13
N SER D 75 19.06 25.37 23.00
CA SER D 75 19.05 26.81 23.00
C SER D 75 17.80 27.38 22.32
N ALA D 76 16.77 26.60 22.07
CA ALA D 76 15.52 27.14 21.53
C ALA D 76 14.80 28.15 22.41
N ASP D 77 14.03 29.09 21.86
CA ASP D 77 13.24 30.01 22.67
C ASP D 77 12.10 29.27 23.36
N LEU D 78 12.27 29.11 24.66
CA LEU D 78 11.29 28.42 25.49
C LEU D 78 9.86 29.00 25.52
N SER D 79 9.66 30.28 25.25
CA SER D 79 8.30 30.85 25.22
C SER D 79 7.45 30.35 24.06
N GLN D 80 8.11 30.06 22.95
CA GLN D 80 7.44 29.70 21.72
C GLN D 80 7.02 28.25 21.51
N PRO D 81 6.00 27.99 20.71
CA PRO D 81 5.66 26.66 20.26
C PRO D 81 6.69 25.90 19.43
N ILE D 82 6.88 24.62 19.68
CA ILE D 82 7.71 23.75 18.86
C ILE D 82 6.97 23.52 17.54
N LEU D 83 5.66 23.24 17.65
CA LEU D 83 4.79 23.08 16.47
C LEU D 83 3.32 23.33 16.81
N CYS D 84 2.59 23.74 15.81
CA CYS D 84 1.15 23.96 15.94
C CYS D 84 0.46 23.33 14.74
N LEU D 85 -0.72 22.74 14.93
CA LEU D 85 -1.38 22.02 13.85
C LEU D 85 -2.87 21.93 14.10
N SER D 86 -3.70 22.00 13.05
CA SER D 86 -5.14 21.79 13.18
C SER D 86 -5.66 20.36 13.12
N LEU D 87 -6.59 19.91 13.98
CA LEU D 87 -7.14 18.55 13.91
C LEU D 87 -8.15 18.32 12.76
N SER D 88 -7.60 18.26 11.56
CA SER D 88 -8.34 18.01 10.34
C SER D 88 -7.68 16.88 9.56
N PRO D 89 -7.83 15.65 10.01
CA PRO D 89 -7.06 14.49 9.55
C PRO D 89 -6.98 14.25 8.06
N ALA D 90 -7.98 14.64 7.28
CA ALA D 90 -7.90 14.52 5.81
C ALA D 90 -7.58 15.80 5.06
N PHE D 91 -7.78 16.96 5.69
CA PHE D 91 -7.57 18.26 5.05
C PHE D 91 -6.29 19.03 5.41
N ASP D 92 -5.91 19.10 6.70
CA ASP D 92 -4.71 19.81 7.10
C ASP D 92 -3.48 19.22 6.39
N PRO D 93 -2.62 20.01 5.73
CA PRO D 93 -1.56 19.50 4.86
C PRO D 93 -0.60 18.48 5.49
N ARG D 94 -0.26 18.70 6.75
CA ARG D 94 0.59 17.82 7.52
C ARG D 94 0.01 16.43 7.77
N LEU D 95 -1.31 16.37 7.85
CA LEU D 95 -2.06 15.15 8.07
C LEU D 95 -2.65 14.50 6.81
N SER D 96 -3.09 15.32 5.84
CA SER D 96 -3.78 14.89 4.62
C SER D 96 -3.18 13.77 3.78
N HIS D 97 -1.85 13.69 3.82
CA HIS D 97 -1.12 12.70 3.06
C HIS D 97 -0.53 11.51 3.78
N THR D 98 -0.77 11.42 5.08
CA THR D 98 -0.38 10.26 5.90
C THR D 98 -1.25 9.06 5.50
N MET D 99 -1.00 7.78 5.83
CA MET D 99 -1.92 6.69 5.47
C MET D 99 -3.34 6.94 6.00
N LEU D 100 -3.41 7.43 7.25
CA LEU D 100 -4.66 7.85 7.89
C LEU D 100 -5.42 8.86 7.00
N GLY D 101 -4.78 9.99 6.71
CA GLY D 101 -5.39 11.04 5.90
C GLY D 101 -5.76 10.53 4.49
N GLU D 102 -4.89 9.68 3.94
CA GLU D 102 -5.16 9.15 2.61
C GLU D 102 -6.39 8.25 2.46
N VAL D 103 -6.71 7.41 3.47
CA VAL D 103 -7.95 6.61 3.43
C VAL D 103 -9.14 7.52 3.67
N LEU D 104 -9.02 8.46 4.61
CA LEU D 104 -10.08 9.43 4.87
C LEU D 104 -10.46 10.31 3.70
N ASN D 105 -9.56 10.54 2.74
CA ASN D 105 -9.93 11.28 1.53
C ASN D 105 -10.74 10.50 0.48
N TYR D 106 -11.01 9.24 0.76
CA TYR D 106 -11.93 8.40 -0.02
C TYR D 106 -13.29 8.30 0.66
N TYR D 107 -13.48 9.03 1.76
CA TYR D 107 -14.74 9.04 2.50
C TYR D 107 -15.22 10.48 2.81
N THR D 108 -16.52 10.74 2.95
CA THR D 108 -17.00 12.11 3.24
C THR D 108 -17.02 12.45 4.72
N HIS D 109 -17.15 11.44 5.60
CA HIS D 109 -17.26 11.70 7.02
C HIS D 109 -16.36 10.84 7.91
N TRP D 110 -15.77 11.39 8.98
CA TRP D 110 -15.03 10.58 9.94
C TRP D 110 -15.46 10.76 11.39
N ALA D 111 -15.24 9.74 12.18
CA ALA D 111 -15.52 9.77 13.61
C ALA D 111 -14.56 8.90 14.41
N GLY D 112 -14.22 9.27 15.62
CA GLY D 112 -13.34 8.41 16.42
C GLY D 112 -12.18 9.12 17.07
N SER D 113 -11.34 8.39 17.80
CA SER D 113 -10.21 9.01 18.48
C SER D 113 -8.92 8.74 17.75
N LEU D 114 -8.08 9.74 17.75
CA LEU D 114 -6.79 9.70 17.07
C LEU D 114 -5.64 9.65 18.06
N LYS D 115 -4.45 9.24 17.62
CA LYS D 115 -3.28 9.33 18.50
C LYS D 115 -1.96 9.65 17.82
N PHE D 116 -1.31 10.59 18.46
CA PHE D 116 -0.02 11.11 18.01
C PHE D 116 1.20 10.62 18.81
N THR D 117 2.11 9.87 18.19
CA THR D 117 3.30 9.39 18.90
C THR D 117 4.60 10.05 18.45
N PHE D 118 5.31 10.66 19.38
CA PHE D 118 6.52 11.41 19.07
C PHE D 118 7.81 10.74 19.46
N LEU D 119 8.74 10.69 18.52
CA LEU D 119 10.04 10.05 18.69
C LEU D 119 11.23 10.98 18.87
N PHE D 120 11.88 10.92 20.02
CA PHE D 120 13.10 11.68 20.21
C PHE D 120 14.29 10.98 19.53
N CYS D 121 14.84 11.56 18.47
CA CYS D 121 15.99 10.98 17.79
C CYS D 121 17.31 11.66 18.12
N GLY D 122 17.38 12.14 19.36
CA GLY D 122 18.60 12.77 19.86
C GLY D 122 19.61 11.77 20.40
N SER D 123 20.77 12.19 20.84
CA SER D 123 21.75 11.26 21.43
C SER D 123 21.30 10.82 22.82
N MET D 124 21.83 9.71 23.33
CA MET D 124 21.40 9.20 24.63
C MET D 124 21.71 10.11 25.81
N MET D 125 22.71 10.94 25.66
CA MET D 125 23.08 11.89 26.71
C MET D 125 22.18 13.13 26.81
N ALA D 126 21.26 13.32 25.86
CA ALA D 126 20.34 14.44 25.84
C ALA D 126 19.06 14.16 26.61
N THR D 127 18.73 15.08 27.50
CA THR D 127 17.50 14.97 28.29
C THR D 127 16.47 16.06 27.97
N GLY D 128 15.28 16.01 28.55
CA GLY D 128 14.28 17.08 28.31
C GLY D 128 12.85 16.72 28.74
N LYS D 129 12.04 17.72 29.00
CA LYS D 129 10.62 17.50 29.26
C LYS D 129 9.78 18.36 28.34
N ILE D 130 8.81 17.74 27.67
CA ILE D 130 7.98 18.42 26.71
C ILE D 130 6.49 18.34 27.02
N LEU D 131 5.75 19.43 26.83
CA LEU D 131 4.29 19.41 26.95
C LEU D 131 3.65 19.32 25.57
N VAL D 132 2.84 18.30 25.35
CA VAL D 132 2.13 18.19 24.09
C VAL D 132 0.64 18.18 24.40
N ALA D 133 -0.08 18.99 23.65
CA ALA D 133 -1.50 19.21 23.89
C ALA D 133 -2.51 19.24 22.75
N TYR D 134 -3.74 19.05 23.16
CA TYR D 134 -4.92 19.15 22.32
C TYR D 134 -6.03 19.98 23.00
N ALA D 135 -6.41 21.03 22.31
CA ALA D 135 -7.48 21.91 22.71
C ALA D 135 -8.73 21.66 21.84
N PRO D 136 -9.84 21.10 22.37
CA PRO D 136 -11.13 21.07 21.68
C PRO D 136 -11.61 22.45 21.16
N PRO D 137 -12.30 22.56 20.03
CA PRO D 137 -12.54 23.80 19.33
C PRO D 137 -13.32 24.89 20.07
N GLY D 138 -13.42 26.12 19.56
CA GLY D 138 -14.26 27.15 20.17
C GLY D 138 -13.57 28.36 20.82
N ALA D 139 -12.34 28.15 21.24
CA ALA D 139 -11.55 29.22 21.78
C ALA D 139 -10.34 29.64 20.93
N GLN D 140 -9.56 30.58 21.44
CA GLN D 140 -8.36 31.03 20.76
C GLN D 140 -7.35 29.90 20.64
N PRO D 141 -6.83 29.59 19.44
CA PRO D 141 -5.84 28.56 19.26
C PRO D 141 -4.60 28.92 20.08
N PRO D 142 -4.07 28.03 20.93
CA PRO D 142 -3.01 28.36 21.86
C PRO D 142 -1.68 28.88 21.30
N THR D 143 -1.30 30.03 21.80
CA THR D 143 -0.03 30.67 21.42
C THR D 143 1.02 30.56 22.53
N SER D 144 0.59 30.17 23.74
CA SER D 144 1.44 30.04 24.89
C SER D 144 1.25 28.73 25.66
N ARG D 145 2.30 28.11 26.25
CA ARG D 145 2.16 26.89 27.07
C ARG D 145 1.12 27.03 28.17
N LYS D 146 1.10 28.21 28.80
CA LYS D 146 0.11 28.59 29.78
C LYS D 146 -1.34 28.33 29.33
N GLU D 147 -1.68 28.75 28.10
CA GLU D 147 -2.98 28.46 27.53
C GLU D 147 -3.14 27.01 27.15
N ALA D 148 -2.14 26.41 26.51
CA ALA D 148 -2.16 24.97 26.16
C ALA D 148 -2.32 23.98 27.34
N MET D 149 -1.69 24.34 28.46
CA MET D 149 -1.78 23.62 29.74
C MET D 149 -3.24 23.27 30.02
N LEU D 150 -4.12 24.25 29.95
CA LEU D 150 -5.55 24.16 30.23
C LEU D 150 -6.40 23.10 29.53
N GLY D 151 -5.89 22.53 28.46
CA GLY D 151 -6.61 21.52 27.71
C GLY D 151 -6.02 20.13 27.83
N THR D 152 -6.46 19.21 26.98
CA THR D 152 -6.00 17.83 27.07
C THR D 152 -4.51 17.75 26.82
N HIS D 153 -3.74 17.17 27.73
CA HIS D 153 -2.29 17.16 27.53
C HIS D 153 -1.45 16.10 28.22
N VAL D 154 -0.32 15.84 27.60
CA VAL D 154 0.68 14.90 28.11
C VAL D 154 2.01 15.60 28.34
N ILE D 155 2.61 15.38 29.51
CA ILE D 155 3.96 15.87 29.79
C ILE D 155 4.92 14.68 29.64
N TRP D 156 5.55 14.71 28.48
CA TRP D 156 6.56 13.75 28.04
C TRP D 156 7.92 13.98 28.71
N ASP D 157 8.49 12.94 29.31
CA ASP D 157 9.83 13.06 29.84
C ASP D 157 10.78 12.21 29.02
N LEU D 158 11.82 12.79 28.42
CA LEU D 158 12.71 12.01 27.56
C LEU D 158 13.58 11.03 28.36
N GLY D 159 13.68 9.78 27.93
CA GLY D 159 14.47 8.80 28.66
C GLY D 159 14.60 7.50 27.90
N LEU D 160 14.90 6.35 28.52
CA LEU D 160 15.03 5.06 27.82
C LEU D 160 13.86 4.72 26.90
N GLN D 161 12.65 5.03 27.34
CA GLN D 161 11.49 4.94 26.47
C GLN D 161 11.43 6.20 25.61
N SER D 162 12.14 6.02 24.51
CA SER D 162 12.30 6.96 23.39
C SER D 162 11.12 7.81 22.89
N SER D 163 9.92 7.23 22.99
CA SER D 163 8.74 7.84 22.43
C SER D 163 7.52 8.05 23.31
N CYS D 164 6.69 9.06 23.01
CA CYS D 164 5.47 9.33 23.79
C CYS D 164 4.22 9.45 22.95
N THR D 165 3.13 8.81 23.36
CA THR D 165 1.84 8.85 22.70
C THR D 165 0.84 9.76 23.39
N MET D 166 0.29 10.70 22.61
CA MET D 166 -0.83 11.54 23.06
C MET D 166 -2.09 11.11 22.35
N VAL D 167 -3.11 10.69 23.08
CA VAL D 167 -4.38 10.32 22.46
C VAL D 167 -5.24 11.58 22.31
N VAL D 168 -5.70 11.93 21.11
CA VAL D 168 -6.67 13.01 20.95
C VAL D 168 -8.07 12.40 21.06
N PRO D 169 -8.77 12.64 22.17
CA PRO D 169 -9.97 11.89 22.48
C PRO D 169 -11.14 12.41 21.65
N TRP D 170 -12.01 11.59 21.06
CA TRP D 170 -13.20 12.06 20.35
C TRP D 170 -14.14 12.90 21.24
N ILE D 171 -14.00 14.19 21.15
CA ILE D 171 -14.84 15.16 21.85
C ILE D 171 -15.44 16.00 20.74
N SER D 172 -16.73 15.87 20.46
CA SER D 172 -17.35 16.58 19.34
C SER D 172 -18.81 16.83 19.52
N ASN D 173 -19.36 17.83 18.83
CA ASN D 173 -20.82 18.03 18.90
C ASN D 173 -21.58 17.08 17.96
N VAL D 174 -21.15 17.00 16.72
CA VAL D 174 -21.79 16.13 15.73
C VAL D 174 -21.35 14.65 15.86
N THR D 175 -22.17 13.71 15.41
CA THR D 175 -21.83 12.28 15.54
C THR D 175 -20.74 11.85 14.57
N TYR D 176 -20.70 12.51 13.44
CA TYR D 176 -19.60 12.38 12.50
C TYR D 176 -19.07 13.73 11.99
N ARG D 177 -17.78 13.98 12.07
CA ARG D 177 -17.20 15.16 11.47
C ARG D 177 -16.98 15.02 9.94
N GLN D 178 -16.78 16.11 9.20
CA GLN D 178 -16.42 15.98 7.79
C GLN D 178 -14.94 15.86 7.49
N THR D 179 -14.56 15.24 6.37
CA THR D 179 -13.15 15.14 6.00
C THR D 179 -12.61 16.44 5.37
N THR D 180 -13.40 17.28 4.72
CA THR D 180 -12.96 18.63 4.33
C THR D 180 -13.11 19.67 5.42
N GLN D 181 -12.44 20.79 5.23
CA GLN D 181 -12.51 21.88 6.17
C GLN D 181 -13.87 22.55 6.31
N ASP D 182 -14.27 22.78 7.54
CA ASP D 182 -15.55 23.38 7.84
C ASP D 182 -15.71 23.74 9.30
N SER D 183 -15.83 25.02 9.67
CA SER D 183 -15.99 25.42 11.11
C SER D 183 -17.09 24.71 11.88
N PHE D 184 -18.21 24.39 11.23
CA PHE D 184 -19.30 23.64 11.85
C PHE D 184 -18.89 22.25 12.34
N THR D 185 -18.03 21.54 11.63
CA THR D 185 -17.59 20.24 12.12
C THR D 185 -16.09 20.23 12.43
N GLU D 186 -15.54 21.35 12.88
CA GLU D 186 -14.11 21.42 13.16
C GLU D 186 -13.63 20.65 14.38
N GLY D 187 -12.44 20.06 14.32
CA GLY D 187 -11.90 19.23 15.40
C GLY D 187 -11.06 19.88 16.51
N GLY D 188 -10.52 21.07 16.36
CA GLY D 188 -9.70 21.68 17.39
C GLY D 188 -8.21 21.82 17.04
N TYR D 189 -7.41 22.05 18.07
CA TYR D 189 -6.01 22.40 17.90
C TYR D 189 -4.97 21.51 18.60
N ILE D 190 -3.87 21.23 17.91
CA ILE D 190 -2.75 20.47 18.47
C ILE D 190 -1.51 21.34 18.58
N SER D 191 -0.89 21.34 19.76
CA SER D 191 0.31 22.18 19.98
C SER D 191 1.31 21.62 20.98
N MET D 192 2.57 22.00 20.81
CA MET D 192 3.63 21.48 21.66
C MET D 192 4.61 22.53 22.16
N PHE D 193 5.09 22.34 23.38
CA PHE D 193 5.98 23.29 24.06
C PHE D 193 7.06 22.64 24.92
N TYR D 194 8.19 23.31 25.20
CA TYR D 194 9.11 22.74 26.21
C TYR D 194 8.53 22.95 27.61
N GLN D 195 8.53 21.90 28.42
CA GLN D 195 8.09 21.97 29.80
C GLN D 195 9.25 22.44 30.67
N THR D 196 10.43 22.06 30.23
CA THR D 196 11.70 22.52 30.84
C THR D 196 12.55 22.92 29.65
N ARG D 197 13.58 22.20 29.23
CA ARG D 197 14.27 22.42 27.96
C ARG D 197 15.12 21.21 27.63
N ILE D 198 15.64 21.12 26.40
CA ILE D 198 16.57 20.05 26.06
C ILE D 198 17.88 20.34 26.77
N VAL D 199 18.43 19.41 27.56
CA VAL D 199 19.73 19.66 28.16
C VAL D 199 20.73 18.61 27.70
N VAL D 200 21.82 19.04 27.09
CA VAL D 200 22.93 18.14 26.75
C VAL D 200 24.17 18.38 27.63
N PRO D 201 25.12 17.47 27.73
CA PRO D 201 26.44 17.81 28.24
C PRO D 201 27.38 18.34 27.16
N LEU D 202 28.64 18.61 27.52
CA LEU D 202 29.64 19.03 26.53
C LEU D 202 30.00 17.90 25.55
N SER D 203 30.61 18.15 24.41
CA SER D 203 30.98 17.11 23.42
C SER D 203 29.82 16.31 22.85
N THR D 204 28.66 16.86 23.03
CA THR D 204 27.38 16.26 22.65
C THR D 204 26.70 17.22 21.65
N PRO D 205 26.12 16.80 20.53
CA PRO D 205 25.31 17.66 19.69
C PRO D 205 24.18 18.37 20.42
N LYS D 206 24.13 19.70 20.37
CA LYS D 206 23.10 20.50 21.04
C LYS D 206 21.71 20.59 20.36
N SER D 207 21.61 19.85 19.25
CA SER D 207 20.46 19.95 18.38
C SER D 207 20.19 18.63 17.73
N MET D 208 18.90 18.30 17.72
CA MET D 208 18.44 17.00 17.24
C MET D 208 17.03 16.96 16.68
N SER D 209 16.71 15.88 16.00
CA SER D 209 15.37 15.74 15.46
C SER D 209 14.34 14.95 16.25
N MET D 210 13.12 15.44 16.13
CA MET D 210 11.96 14.76 16.68
C MET D 210 11.13 14.31 15.49
N LEU D 211 10.70 13.07 15.52
CA LEU D 211 9.80 12.57 14.50
C LEU D 211 8.41 12.43 15.05
N GLY D 212 7.38 12.67 14.25
CA GLY D 212 6.00 12.49 14.72
C GLY D 212 5.24 11.44 13.95
N PHE D 213 4.39 10.67 14.62
CA PHE D 213 3.57 9.63 13.98
C PHE D 213 2.08 9.74 14.27
N VAL D 214 1.21 9.43 13.31
CA VAL D 214 -0.24 9.42 13.55
C VAL D 214 -0.96 8.14 13.11
N SER D 215 -1.90 7.76 13.97
CA SER D 215 -2.81 6.65 13.70
C SER D 215 -4.10 6.72 14.48
N ALA D 216 -5.11 6.07 13.91
CA ALA D 216 -6.43 6.00 14.52
C ALA D 216 -6.62 4.94 15.64
N CYS D 217 -7.33 5.28 16.71
CA CYS D 217 -7.63 4.30 17.74
C CYS D 217 -8.76 3.36 17.31
N ASN D 218 -9.04 2.26 18.01
CA ASN D 218 -10.10 1.34 17.62
C ASN D 218 -11.57 1.76 17.60
N ASP D 219 -11.88 2.96 18.01
CA ASP D 219 -13.24 3.46 17.96
C ASP D 219 -13.56 4.18 16.66
N PHE D 220 -12.53 4.37 15.85
CA PHE D 220 -12.58 5.16 14.63
C PHE D 220 -13.26 4.55 13.42
N SER D 221 -14.18 5.30 12.81
CA SER D 221 -14.83 4.86 11.59
C SER D 221 -14.98 5.96 10.56
N VAL D 222 -15.32 5.57 9.34
CA VAL D 222 -15.50 6.50 8.22
C VAL D 222 -16.75 6.17 7.38
N ARG D 223 -17.39 7.12 6.70
CA ARG D 223 -18.54 6.81 5.84
C ARG D 223 -18.74 7.73 4.64
N LEU D 224 -19.62 7.30 3.73
CA LEU D 224 -19.90 7.89 2.42
C LEU D 224 -18.69 7.92 1.53
N LEU D 225 -18.42 6.77 0.91
CA LEU D 225 -17.29 6.60 0.00
C LEU D 225 -17.30 7.67 -1.09
N ARG D 226 -16.15 8.19 -1.47
CA ARG D 226 -16.09 9.22 -2.49
C ARG D 226 -14.76 9.22 -3.21
N ASP D 227 -14.73 9.97 -4.30
CA ASP D 227 -13.50 10.17 -5.03
C ASP D 227 -12.58 11.22 -4.44
N THR D 228 -11.33 10.82 -4.33
CA THR D 228 -10.31 11.67 -3.78
C THR D 228 -9.80 12.79 -4.68
N THR D 229 -9.47 13.93 -4.10
CA THR D 229 -8.77 15.02 -4.82
C THR D 229 -7.28 14.75 -4.99
N HIS D 230 -6.76 13.74 -4.31
CA HIS D 230 -5.34 13.43 -4.36
C HIS D 230 -4.78 12.65 -5.57
N ILE D 231 -5.46 12.59 -6.71
CA ILE D 231 -5.01 11.92 -7.94
C ILE D 231 -5.91 12.39 -9.06
N SER D 232 -5.36 12.52 -10.26
CA SER D 232 -6.12 13.00 -11.41
C SER D 232 -5.53 12.59 -12.74
N GLN D 233 -6.02 13.10 -13.85
CA GLN D 233 -5.55 12.77 -15.19
C GLN D 233 -5.85 13.84 -16.26
N SER D 234 -4.91 14.11 -17.15
CA SER D 234 -5.11 15.08 -18.24
C SER D 234 -5.46 14.46 -19.57
N ALA D 235 -6.17 15.11 -20.50
CA ALA D 235 -6.53 14.47 -21.78
C ALA D 235 -5.41 13.97 -22.69
N GLY E 1 -34.68 -22.79 -3.07
CA GLY E 1 -33.33 -22.36 -2.82
C GLY E 1 -33.13 -20.90 -2.44
N ALA E 2 -34.19 -20.27 -1.96
CA ALA E 2 -34.15 -18.85 -1.54
C ALA E 2 -33.42 -18.54 -0.25
N GLN E 3 -32.56 -17.53 -0.31
CA GLN E 3 -31.76 -17.05 0.83
C GLN E 3 -32.40 -15.87 1.55
N VAL E 4 -32.65 -15.96 2.86
CA VAL E 4 -33.32 -14.88 3.61
C VAL E 4 -32.50 -14.34 4.77
N SER E 5 -32.34 -13.04 4.83
CA SER E 5 -31.60 -12.39 5.91
C SER E 5 -32.07 -11.02 6.38
N SER E 6 -31.68 -10.66 7.59
CA SER E 6 -32.02 -9.38 8.18
C SER E 6 -31.31 -8.13 7.65
N GLN E 7 -32.08 -7.15 7.24
CA GLN E 7 -31.51 -5.86 6.89
C GLN E 7 -31.03 -5.11 8.14
N LYS E 8 -29.96 -4.32 8.11
CA LYS E 8 -29.63 -3.51 9.29
C LYS E 8 -30.40 -2.18 9.22
N VAL E 9 -31.60 -2.11 9.79
CA VAL E 9 -32.41 -0.90 9.64
C VAL E 9 -31.87 0.39 10.25
N GLY E 10 -31.65 1.36 9.35
CA GLY E 10 -31.22 2.71 9.75
C GLY E 10 -32.38 3.61 10.17
N ALA E 11 -32.97 4.38 9.26
CA ALA E 11 -34.16 5.17 9.58
C ALA E 11 -35.47 4.36 9.56
N HIS E 12 -35.97 4.15 10.77
CA HIS E 12 -37.19 3.38 11.03
C HIS E 12 -38.49 4.17 10.87
N GLU E 13 -39.29 3.74 9.92
CA GLU E 13 -40.63 4.25 9.76
C GLU E 13 -41.52 4.06 10.98
N ASN E 14 -42.48 4.94 11.27
CA ASN E 14 -43.39 4.73 12.40
C ASN E 14 -44.42 3.61 12.31
N SER E 15 -43.94 2.38 12.23
CA SER E 15 -44.80 1.21 12.15
C SER E 15 -44.91 0.31 13.38
N SER E 22 -37.71 -3.80 15.69
CA SER E 22 -38.32 -4.82 14.81
C SER E 22 -37.48 -5.24 13.61
N THR E 23 -37.28 -6.56 13.43
CA THR E 23 -36.45 -7.06 12.33
C THR E 23 -37.07 -7.20 10.93
N ILE E 24 -36.51 -6.46 9.98
CA ILE E 24 -36.98 -6.49 8.58
C ILE E 24 -36.04 -7.33 7.69
N ASN E 25 -36.57 -8.26 6.92
CA ASN E 25 -35.75 -9.12 6.08
C ASN E 25 -35.73 -8.84 4.58
N TYR E 26 -34.71 -9.35 3.89
CA TYR E 26 -34.68 -9.34 2.43
C TYR E 26 -34.33 -10.70 1.85
N THR E 27 -34.89 -10.98 0.68
CA THR E 27 -34.70 -12.26 0.03
C THR E 27 -33.77 -12.18 -1.19
N THR E 28 -32.92 -13.19 -1.35
CA THR E 28 -31.98 -13.31 -2.45
C THR E 28 -32.06 -14.67 -3.11
N ILE E 29 -32.09 -14.78 -4.44
CA ILE E 29 -32.03 -16.05 -5.17
C ILE E 29 -31.02 -15.99 -6.30
N ASN E 30 -30.05 -16.92 -6.36
CA ASN E 30 -29.13 -17.01 -7.49
C ASN E 30 -29.69 -17.72 -8.71
N TYR E 31 -29.66 -17.04 -9.83
CA TYR E 31 -30.20 -17.52 -11.11
C TYR E 31 -29.24 -18.23 -12.02
N TYR E 32 -27.97 -18.07 -11.69
CA TYR E 32 -26.87 -18.61 -12.50
C TYR E 32 -25.99 -19.63 -11.81
N LYS E 33 -25.58 -20.63 -12.59
CA LYS E 33 -24.66 -21.65 -12.14
C LYS E 33 -23.27 -21.14 -11.77
N ASP E 34 -22.65 -20.30 -12.58
CA ASP E 34 -21.34 -19.75 -12.25
C ASP E 34 -21.35 -18.71 -11.14
N SER E 35 -20.77 -19.00 -9.97
CA SER E 35 -20.69 -18.05 -8.83
C SER E 35 -20.17 -16.65 -9.13
N ALA E 36 -19.32 -16.50 -10.15
CA ALA E 36 -18.87 -15.18 -10.59
C ALA E 36 -20.03 -14.25 -11.00
N SER E 37 -21.11 -14.87 -11.50
CA SER E 37 -22.34 -14.18 -11.88
C SER E 37 -23.13 -13.60 -10.74
N ASN E 38 -22.80 -14.03 -9.52
CA ASN E 38 -23.53 -13.57 -8.34
C ASN E 38 -23.27 -12.12 -7.91
N ALA E 39 -24.30 -11.53 -7.35
CA ALA E 39 -24.13 -10.25 -6.70
C ALA E 39 -23.21 -10.33 -5.45
N ALA E 40 -22.87 -9.24 -4.82
CA ALA E 40 -22.06 -9.28 -3.62
C ALA E 40 -22.85 -9.45 -2.35
N SER E 41 -22.66 -10.51 -1.58
CA SER E 41 -23.32 -10.68 -0.29
C SER E 41 -23.17 -9.54 0.74
N LYS E 42 -22.06 -8.79 0.72
CA LYS E 42 -21.77 -7.68 1.64
C LYS E 42 -21.93 -7.83 3.16
N GLN E 43 -21.97 -9.08 3.62
CA GLN E 43 -21.97 -9.39 5.05
C GLN E 43 -20.55 -9.78 5.40
N ASP E 44 -19.70 -8.77 5.50
CA ASP E 44 -18.29 -9.05 5.65
C ASP E 44 -17.71 -8.93 7.04
N TYR E 45 -17.09 -10.06 7.41
CA TYR E 45 -16.47 -10.14 8.72
C TYR E 45 -15.13 -9.38 8.78
N SER E 46 -14.71 -9.00 9.96
CA SER E 46 -13.45 -8.25 10.08
C SER E 46 -12.32 -9.02 10.75
N GLN E 47 -11.22 -8.35 11.03
CA GLN E 47 -10.09 -8.98 11.70
C GLN E 47 -9.26 -7.98 12.49
N ASP E 48 -8.26 -8.48 13.18
CA ASP E 48 -7.32 -7.66 13.95
C ASP E 48 -6.38 -6.85 13.06
N PRO E 49 -6.07 -5.60 13.41
CA PRO E 49 -4.90 -4.87 12.87
C PRO E 49 -3.54 -5.50 13.18
N SER E 50 -3.42 -6.21 14.29
CA SER E 50 -2.23 -6.90 14.78
C SER E 50 -1.10 -7.36 13.87
N LYS E 51 -1.37 -8.13 12.79
CA LYS E 51 -0.31 -8.53 11.87
C LYS E 51 0.44 -7.35 11.30
N PHE E 52 -0.27 -6.22 11.17
CA PHE E 52 0.29 -4.95 10.73
C PHE E 52 0.68 -4.00 11.86
N THR E 53 -0.16 -3.82 12.88
CA THR E 53 0.13 -2.91 14.00
C THR E 53 1.06 -3.40 15.07
N GLU E 54 1.27 -4.70 15.10
CA GLU E 54 2.20 -5.32 16.05
C GLU E 54 2.83 -6.60 15.53
N PRO E 55 3.64 -6.59 14.48
CA PRO E 55 4.26 -7.80 13.96
C PRO E 55 5.33 -8.36 14.91
N LEU E 56 5.29 -8.20 16.22
CA LEU E 56 6.36 -8.59 17.12
C LEU E 56 6.41 -10.03 17.55
N LYS E 57 7.64 -10.54 17.69
CA LYS E 57 7.85 -11.88 18.19
C LYS E 57 7.48 -11.98 19.68
N ASP E 58 7.86 -10.99 20.48
CA ASP E 58 7.38 -10.91 21.84
C ASP E 58 6.39 -9.76 21.92
N VAL E 59 5.09 -9.99 21.70
CA VAL E 59 4.12 -8.90 21.82
C VAL E 59 3.86 -8.56 23.28
N LEU E 60 4.15 -7.32 23.59
CA LEU E 60 4.07 -6.83 24.95
C LEU E 60 2.83 -6.07 25.42
N ILE E 61 2.55 -6.05 26.72
CA ILE E 61 1.36 -5.35 27.19
C ILE E 61 1.48 -3.82 27.23
N LYS E 62 0.55 -3.04 26.66
CA LYS E 62 0.67 -1.57 26.61
C LYS E 62 1.07 -0.80 27.91
N THR E 63 0.84 -1.36 29.10
CA THR E 63 1.23 -0.69 30.33
C THR E 63 2.64 -0.97 30.79
N ALA E 64 3.30 -2.01 30.29
CA ALA E 64 4.68 -2.35 30.67
C ALA E 64 5.75 -1.64 29.81
N PRO E 65 7.01 -1.40 30.21
CA PRO E 65 8.00 -0.67 29.40
C PRO E 65 8.21 -1.32 28.04
N ALA E 66 8.13 -0.61 26.92
CA ALA E 66 8.33 -1.19 25.58
C ALA E 66 9.66 -1.90 25.38
N LEU E 67 10.67 -1.22 25.90
CA LEU E 67 11.98 -1.78 25.95
C LEU E 67 12.35 -2.00 27.39
N ASN E 68 12.53 -3.28 27.65
CA ASN E 68 12.98 -3.72 28.95
C ASN E 68 14.39 -4.30 28.81
#